data_4HVC
#
_entry.id   4HVC
#
_cell.length_a   72.544
_cell.length_b   93.100
_cell.length_c   87.004
_cell.angle_alpha   90.00
_cell.angle_beta   107.95
_cell.angle_gamma   90.00
#
_symmetry.space_group_name_H-M   'P 1 21 1'
#
loop_
_entity.id
_entity.type
_entity.pdbx_description
1 polymer 'Bifunctional glutamate/proline--tRNA ligase'
2 non-polymer 'PHOSPHOAMINOPHOSPHONIC ACID-ADENYLATE ESTER'
3 non-polymer 7-bromo-6-chloro-3-{3-[(2R,3S)-3-hydroxypiperidin-2-yl]-2-oxopropyl}quinazolin-4(3H)-one
4 non-polymer 'MAGNESIUM ION'
5 non-polymer 'ZINC ION'
6 water water
#
_entity_poly.entity_id   1
_entity_poly.type   'polypeptide(L)'
_entity_poly.pdbx_seq_one_letter_code
;MHHHHHHGSGEGQGPKKQTRLGLEAKKEENLADWYSQVITKSEMIEYHDISGCYILRPWAYAIWEAIKDFFDAEIKKLGV
ENCYFPMFVSQSALEKEKTHVADFAPEVAWVTRSGKTELAEPIAIRPTSETVMYPAYAKWVQSHRDLPIKLNQWCNVVRW
EFKHPQPFLRTREFLWQEGHSAFATMEEAAEEVLQILDLYAQVYEELLAIPVVKGRKTEKEKFAGGDYTTTIEAFISASG
RAIQGGTSHHLGQNFSKMFEIVFEDPKIPGEKQFAYQNSWGLTTRTIGVMTMVHGDNMGLVLPPRVACVQVVIIPCGITN
ALSEEDKEALIAKCNDYRRRLLSVNIRVRADLRDNYSPGWKFNHWELKGVPIRLEVGPRDMKSCQFVAVRRDTGEKLTVA
ENEAETKLQAILEDIQVTLFTRASEDLKTHMVVANTMEDFQKILDSGKIVQIPFCGEIDCEDWIKKTTARDQDLEPGAPS
MGAKSLCIPFKPLCELQPGAKCVCGKNPAKYYTLFGRSY
;
_entity_poly.pdbx_strand_id   A,B
#
# COMPACT_ATOMS: atom_id res chain seq x y z
N LEU A 23 -0.20 28.22 -16.33
CA LEU A 23 1.14 28.52 -15.74
C LEU A 23 1.53 29.99 -15.89
N GLU A 24 1.97 30.57 -14.77
CA GLU A 24 2.41 31.97 -14.70
C GLU A 24 3.93 32.04 -14.77
N ALA A 25 4.61 31.06 -14.19
CA ALA A 25 6.08 31.03 -14.16
C ALA A 25 6.64 30.25 -15.35
N LYS A 26 7.90 30.51 -15.67
CA LYS A 26 8.59 29.81 -16.76
C LYS A 26 9.77 28.97 -16.24
N LYS A 27 9.92 27.78 -16.83
CA LYS A 27 10.86 26.75 -16.37
C LYS A 27 12.32 27.21 -16.41
N GLU A 28 12.66 28.02 -17.41
CA GLU A 28 14.05 28.45 -17.65
C GLU A 28 14.49 29.69 -16.85
N GLU A 29 13.53 30.38 -16.24
CA GLU A 29 13.89 31.56 -15.43
C GLU A 29 13.75 31.33 -13.93
N ASN A 30 12.62 30.82 -13.49
CA ASN A 30 12.42 30.51 -12.08
C ASN A 30 11.90 29.09 -11.90
N LEU A 31 12.83 28.18 -11.68
CA LEU A 31 12.51 26.76 -11.59
C LEU A 31 11.61 26.44 -10.41
N ALA A 32 11.93 27.00 -9.24
CA ALA A 32 11.17 26.76 -8.01
C ALA A 32 9.70 27.18 -8.11
N ASP A 33 9.46 28.37 -8.66
CA ASP A 33 8.10 28.85 -8.90
C ASP A 33 7.35 27.96 -9.88
N TRP A 34 8.03 27.63 -10.99
CA TRP A 34 7.48 26.76 -12.03
C TRP A 34 7.06 25.39 -11.48
N TYR A 35 7.93 24.80 -10.66
CA TYR A 35 7.71 23.47 -10.10
C TYR A 35 6.48 23.46 -9.19
N SER A 36 6.41 24.46 -8.31
CA SER A 36 5.27 24.65 -7.42
C SER A 36 3.97 24.79 -8.19
N GLN A 37 3.99 25.58 -9.27
CA GLN A 37 2.83 25.80 -10.11
C GLN A 37 2.43 24.55 -10.90
N VAL A 38 3.41 23.83 -11.44
CA VAL A 38 3.12 22.61 -12.18
C VAL A 38 2.48 21.54 -11.28
N ILE A 39 3.03 21.34 -10.09
CA ILE A 39 2.55 20.26 -9.22
C ILE A 39 1.16 20.55 -8.63
N THR A 40 0.84 21.82 -8.46
CA THR A 40 -0.46 22.21 -7.91
C THR A 40 -1.55 22.28 -8.99
N LYS A 41 -1.23 22.87 -10.13
CA LYS A 41 -2.20 23.04 -11.22
C LYS A 41 -2.48 21.73 -11.98
N SER A 42 -1.59 20.74 -11.86
CA SER A 42 -1.86 19.40 -12.39
C SER A 42 -2.65 18.58 -11.36
N GLU A 43 -2.87 19.18 -10.18
CA GLU A 43 -3.58 18.55 -9.07
C GLU A 43 -2.84 17.31 -8.55
N MET A 44 -1.51 17.37 -8.57
CA MET A 44 -0.69 16.29 -8.01
C MET A 44 -0.50 16.47 -6.51
N ILE A 45 -0.22 17.70 -6.10
CA ILE A 45 0.19 18.01 -4.74
C ILE A 45 -0.71 19.03 -4.08
N GLU A 46 -0.99 18.83 -2.81
CA GLU A 46 -1.52 19.89 -1.97
C GLU A 46 -0.56 20.08 -0.79
N TYR A 47 -0.38 21.32 -0.37
CA TYR A 47 0.50 21.62 0.75
C TYR A 47 -0.16 21.31 2.09
N HIS A 48 0.67 20.92 3.04
CA HIS A 48 0.24 20.54 4.37
C HIS A 48 0.83 21.57 5.32
N ASP A 49 0.30 21.65 6.55
CA ASP A 49 0.80 22.60 7.53
C ASP A 49 2.06 22.13 8.27
N ILE A 50 2.57 20.94 7.93
CA ILE A 50 3.86 20.47 8.45
C ILE A 50 4.91 20.61 7.36
N SER A 51 5.98 21.34 7.67
CA SER A 51 7.06 21.57 6.71
C SER A 51 7.64 20.27 6.15
N GLY A 52 7.82 20.22 4.83
CA GLY A 52 8.37 19.04 4.16
C GLY A 52 7.41 17.86 4.02
N CYS A 53 6.14 18.09 4.33
CA CYS A 53 5.11 17.07 4.17
C CYS A 53 4.08 17.54 3.14
N TYR A 54 3.76 16.65 2.20
CA TYR A 54 2.88 17.00 1.09
C TYR A 54 1.80 15.96 0.89
N ILE A 55 0.62 16.44 0.54
CA ILE A 55 -0.51 15.55 0.22
C ILE A 55 -0.32 15.05 -1.21
N LEU A 56 -0.38 13.74 -1.40
CA LEU A 56 -0.42 13.16 -2.75
C LEU A 56 -1.88 12.96 -3.17
N ARG A 57 -2.36 13.87 -4.00
CA ARG A 57 -3.69 13.77 -4.57
C ARG A 57 -3.69 12.63 -5.60
N PRO A 58 -4.88 12.18 -6.05
CA PRO A 58 -4.97 11.04 -6.96
C PRO A 58 -4.10 11.08 -8.19
N TRP A 59 -3.96 12.25 -8.82
CA TRP A 59 -3.15 12.39 -10.04
C TRP A 59 -1.69 12.00 -9.82
N ALA A 60 -1.13 12.38 -8.67
CA ALA A 60 0.23 11.97 -8.29
C ALA A 60 0.26 10.52 -7.84
N TYR A 61 -0.71 10.13 -7.00
CA TYR A 61 -0.69 8.79 -6.40
C TYR A 61 -0.80 7.69 -7.45
N ALA A 62 -1.55 7.97 -8.52
CA ALA A 62 -1.69 7.04 -9.64
C ALA A 62 -0.35 6.72 -10.32
N ILE A 63 0.53 7.71 -10.41
CA ILE A 63 1.87 7.43 -10.95
C ILE A 63 2.62 6.44 -10.07
N TRP A 64 2.57 6.65 -8.75
CA TRP A 64 3.19 5.73 -7.80
C TRP A 64 2.58 4.34 -7.89
N GLU A 65 1.26 4.24 -8.06
CA GLU A 65 0.60 2.94 -8.23
C GLU A 65 1.12 2.22 -9.49
N ALA A 66 1.31 2.97 -10.57
CA ALA A 66 1.86 2.42 -11.81
C ALA A 66 3.29 1.87 -11.61
N ILE A 67 4.13 2.63 -10.91
CA ILE A 67 5.50 2.21 -10.59
C ILE A 67 5.49 0.94 -9.71
N LYS A 68 4.65 0.98 -8.69
CA LYS A 68 4.41 -0.15 -7.79
C LYS A 68 4.01 -1.40 -8.57
N ASP A 69 3.04 -1.26 -9.46
CA ASP A 69 2.54 -2.39 -10.22
C ASP A 69 3.65 -3.05 -11.03
N PHE A 70 4.42 -2.25 -11.76
CA PHE A 70 5.57 -2.78 -12.52
C PHE A 70 6.59 -3.47 -11.60
N PHE A 71 7.12 -2.72 -10.64
CA PHE A 71 8.22 -3.19 -9.80
C PHE A 71 7.84 -4.39 -8.97
N ASP A 72 6.62 -4.37 -8.42
CA ASP A 72 6.13 -5.48 -7.63
C ASP A 72 6.09 -6.78 -8.43
N ALA A 73 5.55 -6.71 -9.64
CA ALA A 73 5.47 -7.88 -10.52
C ALA A 73 6.87 -8.42 -10.83
N GLU A 74 7.83 -7.53 -11.02
CA GLU A 74 9.18 -7.93 -11.39
C GLU A 74 9.96 -8.58 -10.25
N ILE A 75 9.80 -8.06 -9.03
CA ILE A 75 10.50 -8.67 -7.89
C ILE A 75 9.87 -9.99 -7.48
N LYS A 76 8.57 -10.14 -7.71
CA LYS A 76 7.92 -11.44 -7.51
C LYS A 76 8.53 -12.52 -8.39
N LYS A 77 8.90 -12.14 -9.61
CA LYS A 77 9.57 -13.07 -10.53
C LYS A 77 10.92 -13.49 -9.99
N LEU A 78 11.54 -12.66 -9.16
CA LEU A 78 12.84 -12.97 -8.54
C LEU A 78 12.70 -13.79 -7.26
N GLY A 79 11.45 -13.98 -6.81
CA GLY A 79 11.17 -14.76 -5.59
C GLY A 79 10.99 -13.91 -4.34
N VAL A 80 10.90 -12.59 -4.51
CA VAL A 80 10.76 -11.68 -3.36
C VAL A 80 9.29 -11.65 -2.92
N GLU A 81 9.05 -11.69 -1.61
CA GLU A 81 7.70 -11.69 -1.04
C GLU A 81 7.46 -10.39 -0.28
N ASN A 82 6.23 -9.90 -0.30
CA ASN A 82 5.88 -8.69 0.44
C ASN A 82 5.47 -8.98 1.87
N CYS A 83 5.74 -8.04 2.75
CA CYS A 83 5.43 -8.19 4.17
C CYS A 83 5.16 -6.80 4.74
N TYR A 84 4.90 -6.72 6.04
CA TYR A 84 4.85 -5.42 6.69
C TYR A 84 5.41 -5.50 8.12
N PHE A 85 6.54 -4.84 8.33
CA PHE A 85 7.20 -4.73 9.65
C PHE A 85 6.74 -3.43 10.32
N PRO A 86 6.80 -3.36 11.67
CA PRO A 86 6.27 -2.18 12.39
C PRO A 86 7.01 -0.89 12.06
N MET A 87 6.26 0.22 12.15
CA MET A 87 6.84 1.54 11.95
C MET A 87 7.70 1.96 13.15
N PHE A 88 7.35 1.42 14.31
CA PHE A 88 8.03 1.82 15.56
C PHE A 88 9.27 1.00 15.83
N VAL A 89 10.37 1.69 16.14
CA VAL A 89 11.61 1.05 16.52
C VAL A 89 11.89 1.46 17.97
N SER A 90 12.10 0.48 18.85
CA SER A 90 12.44 0.79 20.22
C SER A 90 13.80 1.49 20.28
N GLN A 91 13.99 2.30 21.31
CA GLN A 91 15.25 3.01 21.49
C GLN A 91 16.42 2.02 21.53
N SER A 92 16.26 0.93 22.29
CA SER A 92 17.33 -0.03 22.42
C SER A 92 17.64 -0.74 21.09
N ALA A 93 16.62 -1.07 20.31
CA ALA A 93 16.83 -1.69 18.99
C ALA A 93 17.54 -0.77 18.00
N LEU A 94 17.18 0.52 18.02
CA LEU A 94 17.78 1.48 17.09
C LEU A 94 19.27 1.68 17.38
N GLU A 95 19.62 1.62 18.67
CA GLU A 95 20.99 1.82 19.14
C GLU A 95 21.74 0.51 19.41
N LYS A 96 21.14 -0.64 19.08
CA LYS A 96 21.74 -1.92 19.47
C LYS A 96 23.04 -2.23 18.74
N GLU A 97 23.01 -2.14 17.42
CA GLU A 97 24.19 -2.41 16.61
C GLU A 97 24.62 -1.18 15.81
N LYS A 98 25.83 -1.21 15.25
CA LYS A 98 26.32 -0.13 14.41
C LYS A 98 25.70 -0.20 13.00
N THR A 99 24.38 -0.06 12.95
CA THR A 99 23.60 -0.17 11.71
C THR A 99 23.73 1.04 10.80
N HIS A 100 23.93 2.21 11.40
CA HIS A 100 24.01 3.47 10.68
C HIS A 100 24.94 4.40 11.42
N VAL A 101 25.57 5.32 10.70
CA VAL A 101 26.52 6.25 11.32
C VAL A 101 25.80 7.23 12.24
N ALA A 102 26.56 7.76 13.20
CA ALA A 102 26.02 8.64 14.25
C ALA A 102 25.48 9.95 13.68
N ASP A 103 26.01 10.35 12.53
CA ASP A 103 25.55 11.53 11.79
C ASP A 103 24.04 11.52 11.47
N PHE A 104 23.43 10.33 11.42
CA PHE A 104 21.98 10.22 11.15
C PHE A 104 21.07 10.57 12.33
N ALA A 105 21.61 10.54 13.55
CA ALA A 105 20.81 10.70 14.77
C ALA A 105 19.83 11.90 14.80
N PRO A 106 20.25 13.08 14.30
CA PRO A 106 19.31 14.22 14.29
C PRO A 106 18.12 14.09 13.34
N GLU A 107 18.18 13.15 12.40
CA GLU A 107 17.07 12.91 11.45
C GLU A 107 15.98 12.01 12.04
N VAL A 108 16.23 11.41 13.21
CA VAL A 108 15.26 10.45 13.80
C VAL A 108 14.13 11.18 14.51
N ALA A 109 12.89 10.88 14.13
CA ALA A 109 11.73 11.44 14.82
C ALA A 109 11.31 10.54 15.98
N TRP A 110 11.15 11.12 17.17
CA TRP A 110 10.89 10.35 18.39
C TRP A 110 9.49 10.61 18.93
N VAL A 111 8.75 9.53 19.15
CA VAL A 111 7.49 9.57 19.90
C VAL A 111 7.88 9.49 21.37
N THR A 112 7.44 10.45 22.17
CA THR A 112 7.86 10.52 23.58
C THR A 112 6.71 10.41 24.57
N ARG A 113 5.47 10.49 24.08
CA ARG A 113 4.30 10.40 24.97
C ARG A 113 3.07 9.90 24.24
N SER A 114 2.16 9.31 25.01
CA SER A 114 0.81 9.00 24.54
C SER A 114 -0.15 9.87 25.34
N GLY A 115 -0.93 10.69 24.65
CA GLY A 115 -1.67 11.76 25.30
C GLY A 115 -0.68 12.63 26.08
N LYS A 116 -0.97 12.81 27.37
CA LYS A 116 -0.12 13.65 28.21
C LYS A 116 0.85 12.80 29.03
N THR A 117 0.78 11.48 28.83
CA THR A 117 1.62 10.55 29.58
C THR A 117 2.93 10.23 28.85
N GLU A 118 4.03 10.69 29.44
CA GLU A 118 5.36 10.44 28.92
C GLU A 118 5.62 8.92 28.86
N LEU A 119 6.21 8.47 27.75
CA LEU A 119 6.66 7.07 27.65
C LEU A 119 7.94 6.86 28.46
N ALA A 120 8.01 5.73 29.16
CA ALA A 120 9.19 5.37 29.94
C ALA A 120 10.43 5.40 29.08
N GLU A 121 10.32 4.80 27.89
CA GLU A 121 11.37 4.87 26.88
C GLU A 121 10.77 5.39 25.58
N PRO A 122 11.45 6.36 24.94
CA PRO A 122 10.91 6.91 23.71
C PRO A 122 11.01 5.92 22.56
N ILE A 123 10.19 6.12 21.54
CA ILE A 123 10.12 5.21 20.40
C ILE A 123 10.33 5.98 19.10
N ALA A 124 11.17 5.43 18.22
CA ALA A 124 11.52 6.07 16.96
C ALA A 124 10.59 5.66 15.83
N ILE A 125 10.33 6.59 14.92
CA ILE A 125 9.60 6.29 13.69
C ILE A 125 10.61 5.79 12.66
N ARG A 126 10.29 4.67 12.03
CA ARG A 126 11.02 4.07 10.92
C ARG A 126 11.67 5.11 9.98
N PRO A 127 13.02 5.21 9.98
CA PRO A 127 13.73 5.94 8.91
C PRO A 127 14.23 4.97 7.84
N THR A 128 14.12 3.68 8.14
CA THR A 128 14.56 2.54 7.33
C THR A 128 14.45 1.39 8.34
N SER A 129 14.36 0.16 7.86
CA SER A 129 13.87 -0.92 8.72
C SER A 129 14.88 -2.00 9.13
N GLU A 130 16.17 -1.77 8.88
CA GLU A 130 17.21 -2.72 9.26
C GLU A 130 17.08 -3.17 10.72
N THR A 131 16.90 -2.20 11.61
CA THR A 131 16.90 -2.45 13.05
C THR A 131 15.67 -3.23 13.54
N VAL A 132 14.65 -3.32 12.70
CA VAL A 132 13.43 -4.09 13.02
C VAL A 132 13.45 -5.43 12.29
N MET A 133 13.98 -5.43 11.07
CA MET A 133 14.00 -6.64 10.24
C MET A 133 15.09 -7.63 10.61
N TYR A 134 16.31 -7.15 10.85
CA TYR A 134 17.44 -8.07 11.01
C TYR A 134 17.43 -8.92 12.29
N PRO A 135 16.88 -8.39 13.41
CA PRO A 135 16.69 -9.30 14.55
C PRO A 135 15.69 -10.42 14.24
N ALA A 136 14.69 -10.14 13.39
CA ALA A 136 13.75 -11.18 12.97
C ALA A 136 14.43 -12.21 12.05
N TYR A 137 15.22 -11.74 11.10
CA TYR A 137 16.03 -12.62 10.23
C TYR A 137 16.91 -13.56 11.06
N ALA A 138 17.51 -13.05 12.13
CA ALA A 138 18.38 -13.86 12.99
C ALA A 138 17.61 -14.99 13.68
N LYS A 139 16.37 -14.72 14.08
CA LYS A 139 15.49 -15.75 14.64
C LYS A 139 15.07 -16.76 13.57
N TRP A 140 14.77 -16.26 12.37
CA TRP A 140 14.24 -17.10 11.30
C TRP A 140 15.26 -18.04 10.66
N VAL A 141 16.54 -17.68 10.71
CA VAL A 141 17.59 -18.53 10.15
C VAL A 141 18.15 -19.52 11.20
N GLN A 142 17.65 -20.75 11.14
CA GLN A 142 18.08 -21.81 12.05
C GLN A 142 18.95 -22.84 11.36
N SER A 143 18.87 -22.89 10.02
CA SER A 143 19.71 -23.78 9.22
C SER A 143 19.79 -23.28 7.79
N HIS A 144 20.54 -24.00 6.95
CA HIS A 144 20.72 -23.65 5.54
C HIS A 144 19.41 -23.60 4.75
N ARG A 145 18.45 -24.45 5.14
CA ARG A 145 17.17 -24.50 4.42
C ARG A 145 16.26 -23.30 4.68
N ASP A 146 16.67 -22.42 5.61
CA ASP A 146 15.93 -21.18 5.87
C ASP A 146 16.36 -20.02 4.97
N LEU A 147 17.34 -20.27 4.11
CA LEU A 147 17.83 -19.26 3.17
C LEU A 147 17.52 -19.71 1.75
N PRO A 148 17.33 -18.74 0.82
CA PRO A 148 17.41 -17.31 1.04
C PRO A 148 16.14 -16.74 1.66
N ILE A 149 16.27 -15.58 2.29
CA ILE A 149 15.11 -14.80 2.72
C ILE A 149 15.08 -13.59 1.81
N LYS A 150 13.94 -13.35 1.19
CA LYS A 150 13.80 -12.26 0.22
C LYS A 150 12.50 -11.53 0.49
N LEU A 151 12.58 -10.41 1.20
CA LEU A 151 11.40 -9.68 1.63
C LEU A 151 11.41 -8.24 1.15
N ASN A 152 10.21 -7.74 0.83
CA ASN A 152 10.00 -6.37 0.42
C ASN A 152 8.82 -5.77 1.18
N GLN A 153 8.89 -4.49 1.50
CA GLN A 153 7.71 -3.80 1.97
C GLN A 153 7.51 -2.46 1.29
N TRP A 154 6.26 -2.16 1.00
CA TRP A 154 5.82 -0.85 0.56
C TRP A 154 5.31 -0.15 1.82
N CYS A 155 5.90 0.99 2.14
CA CYS A 155 5.60 1.64 3.41
C CYS A 155 6.02 3.08 3.39
N ASN A 156 5.67 3.80 4.45
CA ASN A 156 6.09 5.18 4.61
C ASN A 156 7.28 5.24 5.57
N VAL A 157 8.10 6.26 5.39
CA VAL A 157 9.36 6.43 6.09
C VAL A 157 9.42 7.89 6.54
N VAL A 158 10.02 8.14 7.70
CA VAL A 158 10.23 9.50 8.20
C VAL A 158 11.69 9.78 8.50
N ARG A 159 12.18 10.88 7.93
CA ARG A 159 13.54 11.35 8.16
C ARG A 159 13.44 12.85 8.32
N TRP A 160 13.87 13.35 9.46
CA TRP A 160 13.75 14.78 9.72
C TRP A 160 14.89 15.52 9.02
N GLU A 161 14.72 15.68 7.70
CA GLU A 161 15.75 16.19 6.78
C GLU A 161 16.17 17.60 7.18
N PHE A 162 17.48 17.83 7.24
CA PHE A 162 18.00 19.18 7.47
C PHE A 162 18.00 19.96 6.15
N LYS A 163 18.24 19.24 5.06
CA LYS A 163 18.30 19.83 3.72
C LYS A 163 16.95 20.35 3.26
N HIS A 164 17.00 21.30 2.34
CA HIS A 164 15.82 21.97 1.80
C HIS A 164 14.81 20.96 1.25
N PRO A 165 13.63 20.89 1.88
CA PRO A 165 12.64 19.92 1.42
C PRO A 165 11.97 20.40 0.14
N GLN A 166 11.69 19.45 -0.75
CA GLN A 166 10.99 19.73 -2.00
C GLN A 166 10.00 18.63 -2.28
N PRO A 167 8.79 18.99 -2.74
CA PRO A 167 7.80 17.98 -3.09
C PRO A 167 8.43 16.88 -3.94
N PHE A 168 8.12 15.63 -3.58
CA PHE A 168 8.69 14.41 -4.19
C PHE A 168 10.18 14.18 -3.96
N LEU A 169 11.02 15.14 -4.38
CA LEU A 169 12.48 14.99 -4.42
C LEU A 169 13.14 14.78 -3.07
N ARG A 170 12.66 15.50 -2.06
CA ARG A 170 13.22 15.45 -0.72
C ARG A 170 12.12 15.82 0.27
N THR A 171 11.48 14.80 0.84
CA THR A 171 10.35 15.03 1.72
C THR A 171 10.60 14.41 3.09
N ARG A 172 9.97 14.97 4.12
CA ARG A 172 10.19 14.50 5.49
C ARG A 172 9.47 13.18 5.76
N GLU A 173 8.27 13.04 5.19
CA GLU A 173 7.66 11.72 5.09
C GLU A 173 7.65 11.36 3.60
N PHE A 174 8.04 10.12 3.29
CA PHE A 174 7.92 9.64 1.90
C PHE A 174 7.46 8.20 1.82
N LEU A 175 6.99 7.81 0.64
CA LEU A 175 6.61 6.43 0.39
C LEU A 175 7.73 5.76 -0.34
N TRP A 176 7.98 4.49 -0.01
CA TRP A 176 9.02 3.73 -0.70
C TRP A 176 8.73 2.24 -0.68
N GLN A 177 9.56 1.50 -1.38
CA GLN A 177 9.73 0.10 -1.06
C GLN A 177 11.16 -0.06 -0.56
N GLU A 178 11.34 -0.95 0.41
CA GLU A 178 12.67 -1.43 0.78
C GLU A 178 12.66 -2.95 0.69
N GLY A 179 13.66 -3.48 0.01
CA GLY A 179 13.84 -4.93 -0.10
C GLY A 179 15.07 -5.29 0.71
N HIS A 180 14.98 -6.39 1.46
CA HIS A 180 16.09 -6.86 2.27
C HIS A 180 16.19 -8.36 2.06
N SER A 181 17.34 -8.81 1.54
CA SER A 181 17.51 -10.22 1.24
C SER A 181 18.74 -10.79 1.94
N ALA A 182 18.65 -12.07 2.30
CA ALA A 182 19.76 -12.79 2.94
C ALA A 182 19.98 -14.09 2.17
N PHE A 183 21.25 -14.40 1.89
CA PHE A 183 21.63 -15.53 1.06
C PHE A 183 22.73 -16.39 1.73
N ALA A 184 22.83 -17.64 1.31
CA ALA A 184 23.91 -18.53 1.77
C ALA A 184 25.28 -18.18 1.17
N THR A 185 25.28 -17.67 -0.06
CA THR A 185 26.56 -17.40 -0.76
C THR A 185 26.63 -15.98 -1.27
N MET A 186 27.86 -15.46 -1.38
CA MET A 186 28.11 -14.14 -1.92
C MET A 186 27.55 -13.98 -3.33
N GLU A 187 27.73 -15.01 -4.16
CA GLU A 187 27.39 -14.96 -5.58
C GLU A 187 25.90 -14.77 -5.86
N GLU A 188 25.06 -15.46 -5.09
CA GLU A 188 23.61 -15.26 -5.17
C GLU A 188 23.28 -13.81 -4.86
N ALA A 189 23.91 -13.29 -3.81
CA ALA A 189 23.67 -11.93 -3.34
C ALA A 189 24.11 -10.92 -4.39
N ALA A 190 25.31 -11.11 -4.93
CA ALA A 190 25.87 -10.20 -5.95
C ALA A 190 24.97 -10.13 -7.18
N GLU A 191 24.42 -11.28 -7.57
CA GLU A 191 23.51 -11.35 -8.71
C GLU A 191 22.26 -10.49 -8.50
N GLU A 192 21.63 -10.60 -7.34
CA GLU A 192 20.42 -9.83 -7.05
C GLU A 192 20.66 -8.33 -7.05
N VAL A 193 21.80 -7.90 -6.48
CA VAL A 193 22.15 -6.48 -6.44
C VAL A 193 21.97 -5.82 -7.81
N LEU A 194 22.55 -6.45 -8.83
CA LEU A 194 22.54 -5.88 -10.18
C LEU A 194 21.20 -6.09 -10.88
N GLN A 195 20.50 -7.16 -10.55
CA GLN A 195 19.14 -7.38 -11.06
C GLN A 195 18.20 -6.26 -10.60
N ILE A 196 18.30 -5.91 -9.32
CA ILE A 196 17.45 -4.86 -8.75
C ILE A 196 17.79 -3.49 -9.35
N LEU A 197 19.08 -3.17 -9.46
CA LEU A 197 19.50 -1.91 -10.07
C LEU A 197 19.00 -1.79 -11.52
N ASP A 198 19.03 -2.90 -12.25
CA ASP A 198 18.48 -2.91 -13.60
C ASP A 198 16.96 -2.66 -13.61
N LEU A 199 16.25 -3.23 -12.64
CA LEU A 199 14.83 -2.95 -12.49
C LEU A 199 14.56 -1.47 -12.18
N TYR A 200 15.41 -0.86 -11.36
CA TYR A 200 15.31 0.58 -11.10
C TYR A 200 15.58 1.38 -12.38
N ALA A 201 16.58 0.94 -13.16
CA ALA A 201 16.87 1.56 -14.45
C ALA A 201 15.68 1.44 -15.41
N GLN A 202 15.02 0.28 -15.40
CA GLN A 202 13.80 0.07 -16.16
C GLN A 202 12.68 1.00 -15.72
N VAL A 203 12.52 1.21 -14.41
CA VAL A 203 11.50 2.14 -13.88
C VAL A 203 11.73 3.53 -14.46
N TYR A 204 12.96 4.01 -14.39
CA TYR A 204 13.29 5.32 -14.92
C TYR A 204 13.22 5.38 -16.44
N GLU A 205 13.92 4.47 -17.11
CA GLU A 205 14.05 4.54 -18.56
C GLU A 205 12.82 4.07 -19.33
N GLU A 206 12.26 2.93 -18.95
CA GLU A 206 11.12 2.35 -19.68
C GLU A 206 9.76 2.91 -19.29
N LEU A 207 9.56 3.19 -18.00
CA LEU A 207 8.27 3.73 -17.51
C LEU A 207 8.20 5.26 -17.57
N LEU A 208 9.20 5.93 -16.99
CA LEU A 208 9.18 7.39 -16.86
C LEU A 208 9.96 8.12 -17.95
N ALA A 209 10.53 7.37 -18.88
CA ALA A 209 11.31 7.92 -20.00
C ALA A 209 12.45 8.83 -19.56
N ILE A 210 13.10 8.48 -18.45
CA ILE A 210 14.27 9.20 -17.95
C ILE A 210 15.54 8.35 -18.09
N PRO A 211 16.54 8.85 -18.82
CA PRO A 211 17.83 8.16 -18.91
C PRO A 211 18.59 8.24 -17.59
N VAL A 212 19.25 7.15 -17.21
CA VAL A 212 20.03 7.13 -15.98
C VAL A 212 21.41 6.53 -16.19
N VAL A 213 22.32 6.83 -15.25
CA VAL A 213 23.67 6.31 -15.27
C VAL A 213 23.86 5.31 -14.13
N LYS A 214 24.16 4.06 -14.48
CA LYS A 214 24.41 3.01 -13.51
C LYS A 214 25.85 3.11 -13.01
N GLY A 215 26.03 2.96 -11.71
CA GLY A 215 27.37 3.07 -11.14
C GLY A 215 27.49 2.61 -9.70
N ARG A 216 28.73 2.59 -9.20
CA ARG A 216 29.03 2.29 -7.81
C ARG A 216 29.35 3.61 -7.09
N LYS A 217 28.86 3.76 -5.85
CA LYS A 217 29.21 4.92 -5.03
C LYS A 217 30.67 4.81 -4.59
N THR A 218 31.31 5.96 -4.39
CA THR A 218 32.68 6.02 -3.88
C THR A 218 32.71 5.69 -2.38
N GLU A 219 33.92 5.56 -1.84
CA GLU A 219 34.11 5.24 -0.41
C GLU A 219 33.41 6.24 0.51
N LYS A 220 33.52 7.53 0.19
CA LYS A 220 32.83 8.57 0.96
C LYS A 220 31.31 8.41 0.90
N GLU A 221 30.79 8.08 -0.27
CA GLU A 221 29.34 8.17 -0.50
C GLU A 221 28.56 6.88 -0.29
N LYS A 222 29.26 5.74 -0.18
CA LYS A 222 28.59 4.46 -0.02
C LYS A 222 27.93 4.33 1.35
N PHE A 223 26.97 3.42 1.45
CA PHE A 223 26.34 3.07 2.72
C PHE A 223 27.44 2.51 3.63
N ALA A 224 27.68 3.19 4.75
CA ALA A 224 28.86 2.95 5.59
C ALA A 224 29.07 1.50 5.99
N GLY A 225 27.98 0.85 6.41
CA GLY A 225 28.05 -0.53 6.88
C GLY A 225 28.09 -1.60 5.80
N GLY A 226 27.72 -1.25 4.57
CA GLY A 226 27.72 -2.22 3.47
C GLY A 226 29.07 -2.48 2.82
N ASP A 227 29.12 -3.50 1.97
CA ASP A 227 30.30 -3.84 1.21
CA ASP A 227 30.32 -3.82 1.21
C ASP A 227 30.49 -2.87 0.04
N TYR A 228 29.41 -2.69 -0.74
CA TYR A 228 29.40 -1.69 -1.81
C TYR A 228 27.98 -1.26 -2.12
N THR A 229 27.85 -0.06 -2.68
CA THR A 229 26.57 0.52 -2.99
C THR A 229 26.50 0.82 -4.48
N THR A 230 25.49 0.29 -5.14
CA THR A 230 25.23 0.65 -6.53
C THR A 230 24.05 1.62 -6.60
N THR A 231 24.03 2.41 -7.67
CA THR A 231 23.10 3.51 -7.78
C THR A 231 22.77 3.82 -9.23
N ILE A 232 21.62 4.47 -9.42
CA ILE A 232 21.28 5.06 -10.70
C ILE A 232 21.18 6.57 -10.51
N GLU A 233 21.91 7.30 -11.34
CA GLU A 233 21.91 8.76 -11.28
C GLU A 233 21.20 9.34 -12.50
N ALA A 234 20.35 10.33 -12.23
CA ALA A 234 19.61 11.04 -13.28
C ALA A 234 20.07 12.49 -13.28
N PHE A 235 19.82 13.19 -14.38
CA PHE A 235 20.20 14.60 -14.47
C PHE A 235 19.01 15.50 -14.74
N ILE A 236 18.88 16.52 -13.90
CA ILE A 236 17.85 17.56 -14.07
C ILE A 236 18.50 18.82 -14.67
N SER A 237 18.33 18.99 -15.97
CA SER A 237 18.95 20.06 -16.76
C SER A 237 18.59 21.47 -16.28
N ALA A 238 17.33 21.66 -15.90
CA ALA A 238 16.84 22.95 -15.46
C ALA A 238 17.62 23.49 -14.26
N SER A 239 18.03 22.57 -13.38
CA SER A 239 18.81 22.87 -12.18
C SER A 239 20.31 22.82 -12.43
N GLY A 240 20.72 22.13 -13.49
CA GLY A 240 22.12 21.75 -13.67
C GLY A 240 22.59 20.85 -12.54
N ARG A 241 21.68 20.02 -12.01
CA ARG A 241 21.97 19.19 -10.84
C ARG A 241 21.55 17.73 -11.05
N ALA A 242 22.40 16.81 -10.61
CA ALA A 242 22.05 15.39 -10.64
C ALA A 242 21.26 14.98 -9.41
N ILE A 243 20.67 13.79 -9.47
CA ILE A 243 19.88 13.26 -8.36
C ILE A 243 19.94 11.73 -8.39
N GLN A 244 20.11 11.13 -7.21
CA GLN A 244 20.11 9.68 -7.09
C GLN A 244 18.68 9.14 -7.18
N GLY A 245 18.46 8.23 -8.13
CA GLY A 245 17.12 7.73 -8.42
C GLY A 245 16.68 6.49 -7.65
N GLY A 246 17.65 5.78 -7.07
CA GLY A 246 17.43 4.48 -6.44
C GLY A 246 18.76 3.94 -5.97
N THR A 247 18.74 2.94 -5.07
CA THR A 247 19.95 2.43 -4.45
C THR A 247 19.86 0.93 -4.28
N SER A 248 20.98 0.24 -4.49
CA SER A 248 21.04 -1.22 -4.28
C SER A 248 22.41 -1.61 -3.71
N HIS A 249 22.40 -2.05 -2.45
CA HIS A 249 23.63 -2.34 -1.72
C HIS A 249 23.91 -3.83 -1.63
N HIS A 250 25.18 -4.21 -1.76
CA HIS A 250 25.63 -5.48 -1.20
C HIS A 250 26.21 -5.20 0.17
N LEU A 251 25.65 -5.85 1.19
CA LEU A 251 26.02 -5.61 2.57
C LEU A 251 27.05 -6.63 3.03
N GLY A 252 27.35 -7.60 2.18
CA GLY A 252 28.22 -8.70 2.52
C GLY A 252 27.73 -9.38 3.78
N GLN A 253 28.65 -9.60 4.70
CA GLN A 253 28.33 -10.28 5.95
C GLN A 253 28.37 -9.30 7.13
N ASN A 254 28.52 -8.02 6.82
CA ASN A 254 28.61 -6.99 7.85
C ASN A 254 27.43 -6.95 8.84
N PHE A 255 26.20 -6.99 8.33
CA PHE A 255 25.03 -6.96 9.19
C PHE A 255 24.71 -8.33 9.82
N SER A 256 25.04 -9.41 9.12
CA SER A 256 24.76 -10.75 9.64
C SER A 256 25.67 -11.08 10.82
N LYS A 257 26.90 -10.58 10.78
CA LYS A 257 27.81 -10.67 11.92
C LYS A 257 27.31 -9.87 13.12
N MET A 258 26.75 -8.69 12.84
CA MET A 258 26.18 -7.84 13.90
C MET A 258 24.94 -8.44 14.54
N PHE A 259 24.03 -8.97 13.72
CA PHE A 259 22.75 -9.47 14.23
C PHE A 259 22.72 -10.97 14.51
N GLU A 260 23.84 -11.65 14.25
CA GLU A 260 23.94 -13.11 14.38
CA GLU A 260 23.96 -13.11 14.36
C GLU A 260 22.94 -13.82 13.46
N ILE A 261 22.96 -13.48 12.18
CA ILE A 261 22.16 -14.16 11.17
C ILE A 261 23.08 -15.23 10.60
N VAL A 262 22.98 -16.41 11.22
CA VAL A 262 23.98 -17.47 11.07
C VAL A 262 23.34 -18.85 10.94
N PHE A 263 24.07 -19.75 10.31
CA PHE A 263 23.72 -21.17 10.34
C PHE A 263 25.01 -22.00 10.27
N GLU A 264 24.94 -23.24 10.76
CA GLU A 264 26.07 -24.15 10.64
C GLU A 264 25.72 -25.26 9.66
N ASP A 265 26.68 -25.59 8.80
CA ASP A 265 26.54 -26.70 7.87
C ASP A 265 27.15 -27.95 8.50
N PRO A 266 26.34 -29.00 8.71
CA PRO A 266 26.82 -30.25 9.29
C PRO A 266 27.99 -30.86 8.50
N LYS A 267 28.06 -30.54 7.21
CA LYS A 267 29.14 -31.00 6.33
C LYS A 267 30.44 -30.21 6.55
N ILE A 268 30.31 -29.04 7.16
CA ILE A 268 31.45 -28.21 7.53
C ILE A 268 31.39 -27.93 9.04
N PRO A 269 31.71 -28.95 9.86
CA PRO A 269 31.59 -28.81 11.31
C PRO A 269 32.56 -27.79 11.91
N GLY A 270 32.06 -27.00 12.86
CA GLY A 270 32.89 -26.03 13.57
C GLY A 270 33.00 -24.68 12.90
N GLU A 271 32.21 -24.48 11.85
CA GLU A 271 32.23 -23.22 11.11
C GLU A 271 30.85 -22.60 11.08
N LYS A 272 30.78 -21.35 11.52
CA LYS A 272 29.56 -20.55 11.45
C LYS A 272 29.52 -19.91 10.08
N GLN A 273 28.38 -20.02 9.41
CA GLN A 273 28.21 -19.41 8.11
C GLN A 273 27.33 -18.18 8.28
N PHE A 274 27.91 -16.99 8.14
CA PHE A 274 27.14 -15.76 8.20
C PHE A 274 26.45 -15.49 6.87
N ALA A 275 25.17 -15.12 6.92
CA ALA A 275 24.41 -14.83 5.71
C ALA A 275 25.00 -13.65 4.92
N TYR A 276 24.92 -13.73 3.60
CA TYR A 276 25.26 -12.59 2.76
C TYR A 276 23.98 -11.84 2.49
N GLN A 277 24.03 -10.51 2.65
CA GLN A 277 22.82 -9.69 2.58
C GLN A 277 22.89 -8.56 1.58
N ASN A 278 21.72 -8.19 1.05
CA ASN A 278 21.56 -6.96 0.27
C ASN A 278 20.37 -6.19 0.81
N SER A 279 20.34 -4.89 0.50
CA SER A 279 19.11 -4.12 0.62
C SER A 279 19.05 -3.08 -0.50
N TRP A 280 17.84 -2.58 -0.78
CA TRP A 280 17.60 -1.73 -1.93
C TRP A 280 16.30 -0.96 -1.75
N GLY A 281 16.27 0.27 -2.23
CA GLY A 281 15.10 1.12 -2.06
C GLY A 281 14.90 2.11 -3.19
N LEU A 282 13.63 2.44 -3.42
CA LEU A 282 13.19 3.40 -4.44
C LEU A 282 12.00 4.15 -3.86
N THR A 283 11.90 5.45 -4.11
CA THR A 283 10.85 6.27 -3.47
C THR A 283 10.02 7.07 -4.47
N THR A 284 9.05 7.81 -3.92
CA THR A 284 8.23 8.80 -4.64
C THR A 284 9.03 9.96 -5.24
N ARG A 285 10.33 10.01 -4.96
CA ARG A 285 11.22 10.94 -5.66
C ARG A 285 11.10 10.76 -7.19
N THR A 286 10.86 9.53 -7.61
CA THR A 286 10.62 9.17 -9.01
C THR A 286 9.72 10.18 -9.73
N ILE A 287 8.56 10.48 -9.11
CA ILE A 287 7.55 11.38 -9.68
C ILE A 287 8.08 12.79 -9.85
N GLY A 288 8.87 13.26 -8.88
CA GLY A 288 9.48 14.58 -8.96
C GLY A 288 10.50 14.64 -10.08
N VAL A 289 11.25 13.56 -10.27
CA VAL A 289 12.22 13.52 -11.38
C VAL A 289 11.51 13.56 -12.73
N MET A 290 10.45 12.77 -12.86
CA MET A 290 9.59 12.77 -14.06
C MET A 290 9.05 14.17 -14.38
N THR A 291 8.58 14.87 -13.33
CA THR A 291 8.07 16.23 -13.45
C THR A 291 9.17 17.20 -13.93
N MET A 292 10.31 17.18 -13.25
CA MET A 292 11.45 18.05 -13.55
C MET A 292 12.06 17.83 -14.93
N VAL A 293 12.06 16.58 -15.38
CA VAL A 293 12.64 16.22 -16.69
C VAL A 293 11.70 16.56 -17.86
N HIS A 294 10.46 16.09 -17.80
CA HIS A 294 9.53 16.19 -18.94
C HIS A 294 8.58 17.38 -18.92
N GLY A 295 8.35 17.96 -17.74
CA GLY A 295 7.46 19.11 -17.63
C GLY A 295 7.91 20.27 -18.49
N ASP A 296 6.95 21.02 -19.03
CA ASP A 296 7.24 22.20 -19.86
C ASP A 296 6.49 23.44 -19.39
N ASN A 297 6.46 24.47 -20.24
CA ASN A 297 5.77 25.71 -19.91
C ASN A 297 4.23 25.64 -20.02
N MET A 298 3.70 24.54 -20.53
CA MET A 298 2.26 24.31 -20.50
C MET A 298 1.81 23.46 -19.30
N GLY A 299 2.78 22.84 -18.63
CA GLY A 299 2.52 22.09 -17.39
C GLY A 299 3.18 20.72 -17.35
N LEU A 300 2.49 19.79 -16.70
CA LEU A 300 2.98 18.42 -16.57
C LEU A 300 2.98 17.72 -17.92
N VAL A 301 3.90 16.78 -18.09
CA VAL A 301 3.89 15.90 -19.27
C VAL A 301 4.05 14.47 -18.78
N LEU A 302 3.01 13.65 -18.96
CA LEU A 302 3.04 12.25 -18.52
C LEU A 302 3.53 11.33 -19.63
N PRO A 303 4.58 10.53 -19.34
CA PRO A 303 4.91 9.46 -20.26
C PRO A 303 3.72 8.49 -20.29
N PRO A 304 3.24 8.15 -21.49
CA PRO A 304 2.10 7.25 -21.68
C PRO A 304 2.15 5.95 -20.89
N ARG A 305 3.35 5.44 -20.60
CA ARG A 305 3.50 4.18 -19.89
C ARG A 305 3.01 4.27 -18.43
N VAL A 306 3.07 5.45 -17.83
CA VAL A 306 2.59 5.67 -16.46
C VAL A 306 1.36 6.57 -16.35
N ALA A 307 0.91 7.11 -17.48
CA ALA A 307 -0.26 7.99 -17.50
C ALA A 307 -1.53 7.19 -17.17
N CYS A 308 -2.17 7.54 -16.05
CA CYS A 308 -3.43 6.89 -15.64
C CYS A 308 -4.57 7.21 -16.60
N VAL A 309 -4.48 8.37 -17.25
CA VAL A 309 -5.31 8.72 -18.41
C VAL A 309 -4.35 8.96 -19.57
N GLN A 310 -4.40 8.08 -20.57
CA GLN A 310 -3.53 8.19 -21.74
C GLN A 310 -4.19 9.08 -22.79
N VAL A 311 -5.50 8.94 -22.93
CA VAL A 311 -6.29 9.71 -23.88
C VAL A 311 -7.49 10.32 -23.18
N VAL A 312 -7.69 11.62 -23.33
CA VAL A 312 -8.91 12.26 -22.89
C VAL A 312 -9.78 12.64 -24.11
N ILE A 313 -11.04 12.20 -24.10
CA ILE A 313 -11.97 12.53 -25.16
C ILE A 313 -12.81 13.75 -24.76
N ILE A 314 -12.79 14.77 -25.60
CA ILE A 314 -13.52 16.01 -25.34
C ILE A 314 -14.49 16.34 -26.48
N PRO A 315 -15.80 16.46 -26.16
CA PRO A 315 -16.78 16.89 -27.15
C PRO A 315 -16.70 18.40 -27.43
N CYS A 316 -16.65 18.76 -28.71
CA CYS A 316 -16.50 20.16 -29.14
C CYS A 316 -17.71 20.61 -29.97
N GLY A 317 -17.84 21.92 -30.17
CA GLY A 317 -18.86 22.51 -31.04
C GLY A 317 -20.31 22.33 -30.59
N ILE A 318 -20.52 22.24 -29.28
CA ILE A 318 -21.87 22.11 -28.73
C ILE A 318 -22.39 23.48 -28.27
N LEU A 322 -27.44 22.92 -32.08
CA LEU A 322 -27.64 21.49 -31.92
C LEU A 322 -28.77 21.18 -30.96
N SER A 323 -29.70 20.32 -31.40
CA SER A 323 -30.79 19.83 -30.56
C SER A 323 -30.26 18.90 -29.48
N GLU A 324 -31.08 18.64 -28.46
CA GLU A 324 -30.72 17.71 -27.39
C GLU A 324 -30.44 16.30 -27.93
N GLU A 325 -31.27 15.87 -28.89
CA GLU A 325 -31.08 14.61 -29.61
C GLU A 325 -29.69 14.55 -30.26
N ASP A 326 -29.29 15.63 -30.91
CA ASP A 326 -27.97 15.73 -31.55
C ASP A 326 -26.83 15.79 -30.51
N LYS A 327 -27.07 16.49 -29.41
CA LYS A 327 -26.13 16.52 -28.30
C LYS A 327 -25.94 15.11 -27.74
N GLU A 328 -27.04 14.37 -27.61
CA GLU A 328 -27.00 12.98 -27.16
C GLU A 328 -26.17 12.13 -28.12
N ALA A 329 -26.32 12.38 -29.42
CA ALA A 329 -25.58 11.65 -30.45
C ALA A 329 -24.08 11.91 -30.34
N LEU A 330 -23.72 13.19 -30.12
CA LEU A 330 -22.32 13.58 -29.97
C LEU A 330 -21.69 12.92 -28.73
N ILE A 331 -22.41 12.89 -27.62
CA ILE A 331 -21.99 12.21 -26.40
C ILE A 331 -21.80 10.70 -26.64
N ALA A 332 -22.75 10.10 -27.36
CA ALA A 332 -22.68 8.66 -27.67
C ALA A 332 -21.47 8.33 -28.54
N LYS A 333 -21.11 9.25 -29.43
CA LYS A 333 -19.91 9.07 -30.26
C LYS A 333 -18.65 9.11 -29.40
N CYS A 334 -18.57 10.07 -28.48
CA CYS A 334 -17.46 10.14 -27.52
C CYS A 334 -17.38 8.87 -26.70
N ASN A 335 -18.53 8.39 -26.22
CA ASN A 335 -18.60 7.11 -25.50
C ASN A 335 -18.22 5.90 -26.33
N ASP A 336 -18.49 5.96 -27.63
CA ASP A 336 -18.09 4.89 -28.54
C ASP A 336 -16.57 4.85 -28.74
N TYR A 337 -15.94 6.02 -28.80
CA TYR A 337 -14.48 6.07 -28.84
C TYR A 337 -13.87 5.51 -27.56
N ARG A 338 -14.48 5.83 -26.42
CA ARG A 338 -13.99 5.37 -25.13
C ARG A 338 -13.97 3.83 -25.04
N ARG A 339 -15.08 3.22 -25.44
CA ARG A 339 -15.20 1.76 -25.43
C ARG A 339 -14.19 1.11 -26.36
N ARG A 340 -14.03 1.66 -27.56
CA ARG A 340 -13.06 1.13 -28.53
C ARG A 340 -11.64 1.19 -27.99
N LEU A 341 -11.32 2.28 -27.28
CA LEU A 341 -10.00 2.46 -26.71
C LEU A 341 -9.75 1.56 -25.51
N LEU A 342 -10.75 1.43 -24.63
CA LEU A 342 -10.69 0.47 -23.53
C LEU A 342 -10.52 -0.95 -24.07
N SER A 343 -11.13 -1.20 -25.22
CA SER A 343 -11.06 -2.50 -25.89
C SER A 343 -9.64 -2.90 -26.32
N VAL A 344 -8.80 -1.91 -26.63
CA VAL A 344 -7.40 -2.19 -26.99
C VAL A 344 -6.41 -1.80 -25.87
N ASN A 345 -6.92 -1.77 -24.64
CA ASN A 345 -6.14 -1.49 -23.42
C ASN A 345 -5.48 -0.12 -23.38
N ILE A 346 -6.15 0.87 -23.95
CA ILE A 346 -5.76 2.25 -23.78
C ILE A 346 -6.55 2.80 -22.59
N ARG A 347 -5.85 3.47 -21.68
CA ARG A 347 -6.49 4.10 -20.53
C ARG A 347 -7.08 5.43 -20.94
N VAL A 348 -8.41 5.47 -21.00
CA VAL A 348 -9.11 6.59 -21.60
C VAL A 348 -10.19 7.15 -20.69
N ARG A 349 -10.38 8.46 -20.78
CA ARG A 349 -11.46 9.13 -20.07
CA ARG A 349 -11.43 9.17 -20.05
C ARG A 349 -12.21 10.06 -21.02
N ALA A 350 -13.52 10.05 -20.92
CA ALA A 350 -14.35 11.00 -21.67
C ALA A 350 -14.78 12.10 -20.70
N ASP A 351 -14.30 13.32 -20.95
CA ASP A 351 -14.72 14.46 -20.15
C ASP A 351 -16.02 15.00 -20.72
N LEU A 352 -17.13 14.46 -20.22
CA LEU A 352 -18.46 14.78 -20.73
C LEU A 352 -19.21 15.76 -19.83
N ARG A 353 -18.47 16.45 -18.95
CA ARG A 353 -19.07 17.45 -18.06
C ARG A 353 -19.59 18.63 -18.88
N ASP A 354 -20.82 19.06 -18.58
CA ASP A 354 -21.44 20.16 -19.35
C ASP A 354 -21.42 21.49 -18.60
N ASN A 355 -20.68 21.54 -17.49
CA ASN A 355 -20.52 22.76 -16.70
C ASN A 355 -19.26 23.54 -17.09
N TYR A 356 -18.45 22.94 -17.95
CA TYR A 356 -17.19 23.53 -18.41
C TYR A 356 -17.15 23.57 -19.93
N SER A 357 -16.41 24.52 -20.48
CA SER A 357 -16.26 24.66 -21.93
C SER A 357 -15.17 23.72 -22.46
N PRO A 358 -15.20 23.39 -23.76
CA PRO A 358 -14.11 22.60 -24.35
C PRO A 358 -12.75 23.27 -24.14
N GLY A 359 -12.69 24.58 -24.33
CA GLY A 359 -11.48 25.37 -24.11
C GLY A 359 -10.91 25.24 -22.71
N TRP A 360 -11.79 25.23 -21.70
CA TRP A 360 -11.40 24.99 -20.32
C TRP A 360 -10.83 23.58 -20.13
N LYS A 361 -11.44 22.61 -20.80
CA LYS A 361 -11.03 21.22 -20.71
C LYS A 361 -9.66 20.96 -21.35
N PHE A 362 -9.45 21.57 -22.53
CA PHE A 362 -8.18 21.49 -23.25
C PHE A 362 -7.03 21.86 -22.32
N ASN A 363 -7.18 23.01 -21.67
CA ASN A 363 -6.20 23.57 -20.76
C ASN A 363 -6.03 22.70 -19.51
N HIS A 364 -7.16 22.27 -18.95
CA HIS A 364 -7.20 21.46 -17.74
C HIS A 364 -6.39 20.17 -17.91
N TRP A 365 -6.64 19.46 -19.01
CA TRP A 365 -5.96 18.19 -19.25
C TRP A 365 -4.54 18.37 -19.78
N GLU A 366 -4.28 19.50 -20.45
CA GLU A 366 -2.92 19.90 -20.82
C GLU A 366 -2.04 20.11 -19.59
N LEU A 367 -2.59 20.80 -18.59
CA LEU A 367 -1.93 21.03 -17.32
C LEU A 367 -1.61 19.73 -16.59
N LYS A 368 -2.52 18.75 -16.72
CA LYS A 368 -2.36 17.44 -16.10
C LYS A 368 -1.48 16.50 -16.94
N GLY A 369 -1.08 16.95 -18.12
CA GLY A 369 -0.13 16.21 -18.95
C GLY A 369 -0.62 14.96 -19.63
N VAL A 370 -1.94 14.89 -19.88
CA VAL A 370 -2.52 13.77 -20.61
C VAL A 370 -1.86 13.71 -21.99
N PRO A 371 -1.29 12.56 -22.36
CA PRO A 371 -0.54 12.40 -23.60
C PRO A 371 -1.30 12.81 -24.87
N ILE A 372 -2.57 12.41 -24.97
CA ILE A 372 -3.38 12.68 -26.15
C ILE A 372 -4.76 13.23 -25.79
N ARG A 373 -5.12 14.33 -26.45
CA ARG A 373 -6.47 14.87 -26.40
C ARG A 373 -7.18 14.49 -27.70
N LEU A 374 -8.36 13.89 -27.55
CA LEU A 374 -9.16 13.47 -28.70
C LEU A 374 -10.36 14.39 -28.81
N GLU A 375 -10.39 15.21 -29.87
CA GLU A 375 -11.48 16.16 -30.08
C GLU A 375 -12.55 15.58 -31.00
N VAL A 376 -13.80 15.65 -30.56
CA VAL A 376 -14.94 15.17 -31.36
C VAL A 376 -15.99 16.27 -31.41
N GLY A 377 -16.25 16.76 -32.61
CA GLY A 377 -17.31 17.75 -32.86
C GLY A 377 -18.30 17.22 -33.90
N PRO A 378 -19.45 17.91 -34.05
CA PRO A 378 -20.53 17.48 -34.96
C PRO A 378 -20.07 17.29 -36.41
N ARG A 379 -19.22 18.20 -36.91
CA ARG A 379 -18.73 18.10 -38.28
C ARG A 379 -17.82 16.88 -38.46
N ASP A 380 -17.03 16.58 -37.43
CA ASP A 380 -16.15 15.41 -37.42
C ASP A 380 -16.91 14.11 -37.54
N MET A 381 -18.01 14.01 -36.78
CA MET A 381 -18.89 12.84 -36.83
C MET A 381 -19.43 12.63 -38.24
N LYS A 382 -19.92 13.71 -38.84
CA LYS A 382 -20.50 13.69 -40.19
C LYS A 382 -19.45 13.37 -41.26
N SER A 383 -18.19 13.70 -40.96
CA SER A 383 -17.07 13.45 -41.86
C SER A 383 -16.37 12.12 -41.58
N CYS A 384 -16.72 11.49 -40.47
CA CYS A 384 -16.11 10.24 -40.02
C CYS A 384 -14.62 10.41 -39.68
N GLN A 385 -14.35 11.43 -38.86
CA GLN A 385 -12.99 11.72 -38.42
C GLN A 385 -12.99 12.22 -36.99
N PHE A 386 -11.79 12.40 -36.45
CA PHE A 386 -11.59 13.06 -35.17
C PHE A 386 -10.23 13.75 -35.16
N VAL A 387 -10.01 14.62 -34.18
CA VAL A 387 -8.75 15.32 -34.04
C VAL A 387 -8.02 14.78 -32.82
N ALA A 388 -6.75 14.43 -33.01
CA ALA A 388 -5.87 14.03 -31.91
C ALA A 388 -4.75 15.06 -31.76
N VAL A 389 -4.53 15.50 -30.52
CA VAL A 389 -3.49 16.47 -30.21
C VAL A 389 -2.50 15.88 -29.20
N ARG A 390 -1.23 15.79 -29.61
CA ARG A 390 -0.16 15.24 -28.78
C ARG A 390 0.28 16.28 -27.76
N ARG A 391 0.42 15.86 -26.50
CA ARG A 391 0.83 16.78 -25.44
C ARG A 391 2.29 17.23 -25.54
N ASP A 392 3.16 16.33 -26.03
CA ASP A 392 4.60 16.56 -26.02
C ASP A 392 5.05 17.59 -27.05
N THR A 393 4.42 17.58 -28.21
CA THR A 393 4.78 18.47 -29.32
C THR A 393 3.70 19.50 -29.62
N GLY A 394 2.45 19.19 -29.26
CA GLY A 394 1.31 20.06 -29.59
C GLY A 394 0.75 19.83 -30.98
N GLU A 395 1.34 18.88 -31.71
CA GLU A 395 0.91 18.57 -33.08
C GLU A 395 -0.53 18.10 -33.12
N LYS A 396 -1.32 18.69 -34.03
CA LYS A 396 -2.72 18.33 -34.19
C LYS A 396 -2.91 17.49 -35.44
N LEU A 397 -3.52 16.32 -35.27
CA LEU A 397 -3.73 15.39 -36.37
C LEU A 397 -5.19 15.05 -36.57
N THR A 398 -5.64 15.09 -37.83
CA THR A 398 -6.96 14.62 -38.19
C THR A 398 -6.84 13.15 -38.57
N VAL A 399 -7.64 12.31 -37.92
CA VAL A 399 -7.55 10.87 -38.09
C VAL A 399 -8.89 10.27 -38.50
N ALA A 400 -8.87 9.42 -39.53
CA ALA A 400 -10.07 8.70 -39.95
C ALA A 400 -10.63 7.86 -38.81
N GLU A 401 -11.94 7.95 -38.60
CA GLU A 401 -12.62 7.30 -37.49
C GLU A 401 -12.24 5.83 -37.32
N ASN A 402 -12.19 5.10 -38.44
CA ASN A 402 -11.89 3.66 -38.42
CA ASN A 402 -11.88 3.67 -38.42
C ASN A 402 -10.47 3.32 -37.94
N GLU A 403 -9.56 4.28 -38.02
CA GLU A 403 -8.17 4.06 -37.65
C GLU A 403 -7.82 4.47 -36.21
N ALA A 404 -8.86 4.64 -35.38
CA ALA A 404 -8.68 5.14 -34.01
C ALA A 404 -7.78 4.27 -33.14
N GLU A 405 -8.08 2.97 -33.03
CA GLU A 405 -7.30 2.05 -32.19
C GLU A 405 -5.82 2.00 -32.58
N THR A 406 -5.56 1.78 -33.87
CA THR A 406 -4.20 1.65 -34.40
C THR A 406 -3.40 2.94 -34.32
N LYS A 407 -3.98 4.05 -34.78
CA LYS A 407 -3.26 5.33 -34.82
C LYS A 407 -2.92 5.88 -33.44
N LEU A 408 -3.87 5.79 -32.49
CA LEU A 408 -3.65 6.35 -31.16
C LEU A 408 -2.65 5.55 -30.34
N GLN A 409 -2.62 4.25 -30.55
CA GLN A 409 -1.61 3.38 -29.94
C GLN A 409 -0.23 3.70 -30.53
N ALA A 410 -0.19 3.91 -31.84
CA ALA A 410 1.04 4.31 -32.52
C ALA A 410 1.54 5.66 -32.00
N ILE A 411 0.62 6.60 -31.79
CA ILE A 411 0.96 7.92 -31.28
C ILE A 411 1.46 7.85 -29.82
N LEU A 412 0.79 7.05 -29.00
CA LEU A 412 1.22 6.86 -27.60
C LEU A 412 2.64 6.30 -27.53
N GLU A 413 2.92 5.29 -28.36
CA GLU A 413 4.26 4.69 -28.44
C GLU A 413 5.29 5.72 -28.87
N ASP A 414 4.93 6.56 -29.84
CA ASP A 414 5.83 7.60 -30.32
C ASP A 414 6.11 8.70 -29.30
N ILE A 415 5.08 9.08 -28.54
CA ILE A 415 5.25 10.07 -27.46
C ILE A 415 6.27 9.58 -26.45
N GLN A 416 6.13 8.33 -26.01
CA GLN A 416 7.05 7.71 -25.06
C GLN A 416 8.49 7.72 -25.59
N VAL A 417 8.67 7.33 -26.84
CA VAL A 417 10.00 7.32 -27.47
C VAL A 417 10.55 8.74 -27.58
N THR A 418 9.69 9.68 -27.99
CA THR A 418 10.05 11.10 -28.12
C THR A 418 10.57 11.68 -26.80
N LEU A 419 9.86 11.40 -25.71
CA LEU A 419 10.26 11.91 -24.40
C LEU A 419 11.61 11.34 -23.97
N PHE A 420 11.81 10.04 -24.17
CA PHE A 420 13.07 9.39 -23.82
C PHE A 420 14.24 9.86 -24.70
N THR A 421 13.99 10.07 -25.99
CA THR A 421 15.03 10.56 -26.91
C THR A 421 15.48 11.97 -26.53
N ARG A 422 14.53 12.88 -26.35
CA ARG A 422 14.81 14.26 -25.93
CA ARG A 422 14.85 14.25 -25.96
C ARG A 422 15.64 14.30 -24.64
N ALA A 423 15.19 13.53 -23.65
CA ALA A 423 15.89 13.46 -22.37
C ALA A 423 17.28 12.81 -22.51
N SER A 424 17.37 11.78 -23.35
CA SER A 424 18.65 11.11 -23.63
C SER A 424 19.66 12.04 -24.29
N GLU A 425 19.23 12.76 -25.32
CA GLU A 425 20.07 13.77 -25.98
C GLU A 425 20.47 14.88 -25.00
N ASP A 426 19.60 15.15 -24.03
CA ASP A 426 19.84 16.16 -23.02
C ASP A 426 20.95 15.75 -22.04
N LEU A 427 20.90 14.49 -21.57
CA LEU A 427 21.95 13.94 -20.71
C LEU A 427 23.30 13.88 -21.45
N LYS A 428 23.28 13.33 -22.67
CA LYS A 428 24.49 13.17 -23.47
C LYS A 428 25.23 14.50 -23.68
N THR A 429 24.46 15.56 -23.89
CA THR A 429 24.99 16.91 -24.05
C THR A 429 25.62 17.43 -22.75
N HIS A 430 24.98 17.11 -21.62
CA HIS A 430 25.32 17.70 -20.33
C HIS A 430 26.23 16.81 -19.47
N MET A 431 26.68 15.69 -20.04
CA MET A 431 27.63 14.81 -19.38
C MET A 431 28.83 14.58 -20.29
N VAL A 432 29.98 15.14 -19.91
CA VAL A 432 31.19 15.09 -20.74
C VAL A 432 32.43 14.79 -19.91
N VAL A 433 33.51 14.42 -20.59
CA VAL A 433 34.78 14.04 -19.94
C VAL A 433 35.68 15.26 -19.75
N ALA A 434 36.24 15.38 -18.55
CA ALA A 434 37.29 16.35 -18.27
C ALA A 434 38.49 15.65 -17.63
N ASN A 435 39.68 16.18 -17.86
CA ASN A 435 40.92 15.55 -17.42
C ASN A 435 41.77 16.39 -16.44
N THR A 436 41.38 17.64 -16.22
CA THR A 436 42.07 18.52 -15.26
C THR A 436 41.08 19.26 -14.35
N MET A 437 41.60 19.81 -13.25
CA MET A 437 40.78 20.54 -12.28
C MET A 437 40.18 21.83 -12.85
N GLU A 438 40.91 22.50 -13.74
CA GLU A 438 40.42 23.74 -14.35
C GLU A 438 39.40 23.49 -15.47
N ASP A 439 39.60 22.44 -16.25
CA ASP A 439 38.62 22.02 -17.26
C ASP A 439 37.35 21.50 -16.58
N PHE A 440 37.54 20.78 -15.47
CA PHE A 440 36.43 20.30 -14.65
C PHE A 440 35.60 21.47 -14.14
N GLN A 441 36.27 22.49 -13.60
CA GLN A 441 35.62 23.68 -13.05
C GLN A 441 34.78 24.46 -14.07
N LYS A 442 35.34 24.66 -15.27
CA LYS A 442 34.65 25.42 -16.33
C LYS A 442 33.39 24.69 -16.81
N ILE A 443 33.54 23.40 -17.07
CA ILE A 443 32.43 22.57 -17.56
C ILE A 443 31.30 22.48 -16.52
N LEU A 444 31.69 22.29 -15.25
CA LEU A 444 30.73 22.22 -14.14
C LEU A 444 29.91 23.50 -14.02
N ASP A 445 30.58 24.65 -14.17
CA ASP A 445 29.93 25.95 -14.02
C ASP A 445 29.03 26.34 -15.20
N SER A 446 29.13 25.60 -16.30
CA SER A 446 28.19 25.76 -17.42
C SER A 446 26.90 24.95 -17.19
N GLY A 447 26.78 24.38 -15.98
CA GLY A 447 25.61 23.61 -15.61
C GLY A 447 25.66 22.18 -16.14
N LYS A 448 26.83 21.54 -16.01
CA LYS A 448 27.01 20.18 -16.49
C LYS A 448 27.54 19.23 -15.41
N ILE A 449 27.50 17.93 -15.69
CA ILE A 449 28.15 16.92 -14.85
C ILE A 449 29.35 16.30 -15.58
N VAL A 450 30.37 15.92 -14.81
CA VAL A 450 31.69 15.65 -15.40
C VAL A 450 32.32 14.35 -14.93
N GLN A 451 32.70 13.51 -15.89
CA GLN A 451 33.48 12.31 -15.62
C GLN A 451 34.97 12.64 -15.60
N ILE A 452 35.61 12.37 -14.46
CA ILE A 452 37.01 12.75 -14.24
C ILE A 452 37.83 11.58 -13.68
N PRO A 453 39.15 11.55 -13.98
CA PRO A 453 40.01 10.55 -13.33
C PRO A 453 40.11 10.83 -11.83
N PHE A 454 39.91 9.80 -11.03
CA PHE A 454 39.77 9.93 -9.58
C PHE A 454 40.50 8.79 -8.88
N CYS A 455 41.26 9.13 -7.83
CA CYS A 455 42.07 8.14 -7.11
C CYS A 455 41.22 7.23 -6.21
N GLY A 456 40.13 7.79 -5.67
CA GLY A 456 39.20 7.03 -4.83
C GLY A 456 39.23 7.42 -3.35
N GLU A 457 40.26 8.17 -2.95
CA GLU A 457 40.44 8.56 -1.55
C GLU A 457 39.40 9.59 -1.10
N ILE A 458 39.01 9.47 0.17
CA ILE A 458 37.98 10.33 0.78
C ILE A 458 38.44 11.79 0.84
N ASP A 459 39.63 12.02 1.40
CA ASP A 459 40.20 13.38 1.54
C ASP A 459 40.18 14.20 0.25
N CYS A 460 40.52 13.55 -0.87
CA CYS A 460 40.50 14.19 -2.19
C CYS A 460 39.09 14.66 -2.56
N GLU A 461 38.09 13.87 -2.17
CA GLU A 461 36.69 14.19 -2.45
C GLU A 461 36.19 15.32 -1.57
N ASP A 462 36.71 15.40 -0.34
CA ASP A 462 36.44 16.52 0.56
C ASP A 462 37.03 17.81 -0.01
N TRP A 463 38.20 17.69 -0.65
CA TRP A 463 38.90 18.81 -1.26
C TRP A 463 38.15 19.34 -2.48
N ILE A 464 37.60 18.44 -3.29
CA ILE A 464 36.86 18.80 -4.50
C ILE A 464 35.61 19.61 -4.17
N LYS A 465 34.83 19.14 -3.19
CA LYS A 465 33.60 19.82 -2.76
C LYS A 465 33.85 21.26 -2.29
N LYS A 466 34.99 21.48 -1.64
CA LYS A 466 35.38 22.82 -1.17
C LYS A 466 35.88 23.71 -2.31
N THR A 467 36.73 23.14 -3.18
CA THR A 467 37.35 23.88 -4.29
C THR A 467 36.35 24.29 -5.37
N THR A 468 35.41 23.39 -5.69
CA THR A 468 34.41 23.63 -6.72
C THR A 468 33.42 24.72 -6.33
N ALA A 469 33.21 24.90 -5.02
CA ALA A 469 32.30 25.92 -4.50
C ALA A 469 32.92 27.32 -4.53
N ARG A 470 34.18 27.41 -4.10
CA ARG A 470 34.88 28.69 -3.99
C ARG A 470 35.29 29.27 -5.35
N MET A 481 28.04 25.72 -2.87
CA MET A 481 27.49 25.20 -4.12
C MET A 481 28.45 24.19 -4.78
N GLY A 482 29.16 23.42 -3.96
CA GLY A 482 30.20 22.50 -4.43
C GLY A 482 29.72 21.26 -5.17
N ALA A 483 30.69 20.53 -5.75
CA ALA A 483 30.41 19.33 -6.52
C ALA A 483 30.78 18.06 -5.76
N LYS A 484 29.82 17.16 -5.61
CA LYS A 484 30.08 15.89 -4.96
C LYS A 484 30.17 14.76 -6.00
N SER A 485 30.77 13.63 -5.59
CA SER A 485 30.78 12.45 -6.45
C SER A 485 29.36 11.94 -6.62
N LEU A 486 29.05 11.45 -7.81
CA LEU A 486 27.73 10.92 -8.10
C LEU A 486 27.81 9.41 -8.15
N CYS A 487 28.63 8.88 -9.06
CA CYS A 487 28.92 7.44 -9.11
C CYS A 487 30.15 7.13 -9.94
N ILE A 488 30.71 5.95 -9.73
CA ILE A 488 31.71 5.40 -10.62
C ILE A 488 30.96 4.57 -11.68
N PRO A 489 30.79 5.12 -12.89
CA PRO A 489 29.96 4.47 -13.91
C PRO A 489 30.48 3.08 -14.27
N PHE A 490 29.57 2.12 -14.44
CA PHE A 490 29.92 0.78 -14.91
C PHE A 490 30.49 0.83 -16.32
N LYS A 491 29.88 1.67 -17.16
CA LYS A 491 30.33 1.91 -18.52
C LYS A 491 30.64 3.39 -18.71
N PRO A 492 31.83 3.84 -18.26
CA PRO A 492 32.23 5.24 -18.43
C PRO A 492 32.45 5.58 -19.91
N LEU A 493 32.38 6.86 -20.23
CA LEU A 493 32.50 7.34 -21.62
C LEU A 493 33.86 6.98 -22.23
N CYS A 494 34.92 7.12 -21.45
CA CYS A 494 36.27 6.81 -21.90
C CYS A 494 36.95 5.78 -20.99
N GLU A 495 37.80 4.94 -21.58
CA GLU A 495 38.57 3.96 -20.83
C GLU A 495 39.81 4.62 -20.24
N LEU A 496 40.07 4.34 -18.96
CA LEU A 496 41.22 4.91 -18.25
C LEU A 496 42.52 4.23 -18.71
N GLN A 497 43.39 5.00 -19.36
CA GLN A 497 44.67 4.50 -19.85
C GLN A 497 45.61 4.16 -18.71
N PRO A 498 46.39 3.06 -18.84
CA PRO A 498 47.37 2.69 -17.82
C PRO A 498 48.32 3.83 -17.48
N GLY A 499 48.49 4.10 -16.18
CA GLY A 499 49.39 5.15 -15.71
C GLY A 499 48.78 6.54 -15.62
N ALA A 500 47.48 6.65 -15.90
CA ALA A 500 46.78 7.93 -15.82
C ALA A 500 46.66 8.40 -14.38
N LYS A 501 46.92 9.68 -14.16
CA LYS A 501 46.95 10.24 -12.81
C LYS A 501 45.61 10.87 -12.44
N CYS A 502 45.35 10.94 -11.13
CA CYS A 502 44.14 11.57 -10.59
C CYS A 502 44.17 13.08 -10.80
N VAL A 503 43.00 13.71 -10.70
CA VAL A 503 42.90 15.17 -10.77
C VAL A 503 43.53 15.82 -9.54
N CYS A 504 43.78 14.99 -8.52
CA CYS A 504 44.42 15.40 -7.26
C CYS A 504 45.68 16.24 -7.48
N ASN A 507 48.81 10.71 -6.09
CA ASN A 507 48.02 9.49 -6.19
C ASN A 507 47.57 9.21 -7.63
N PRO A 508 47.70 7.93 -8.06
CA PRO A 508 47.18 7.53 -9.37
C PRO A 508 45.68 7.23 -9.35
N ALA A 509 45.01 7.47 -10.47
CA ALA A 509 43.58 7.25 -10.60
C ALA A 509 43.23 5.76 -10.68
N LYS A 510 42.09 5.41 -10.09
CA LYS A 510 41.58 4.03 -10.14
C LYS A 510 40.51 3.84 -11.23
N TYR A 511 39.73 4.88 -11.47
CA TYR A 511 38.56 4.84 -12.38
C TYR A 511 38.06 6.24 -12.70
N TYR A 512 37.42 6.39 -13.85
CA TYR A 512 36.64 7.58 -14.14
C TYR A 512 35.44 7.63 -13.20
N THR A 513 35.20 8.82 -12.64
CA THR A 513 34.13 9.02 -11.66
C THR A 513 33.29 10.24 -12.07
N LEU A 514 31.98 10.05 -12.05
CA LEU A 514 31.04 11.11 -12.37
C LEU A 514 30.91 12.04 -11.18
N PHE A 515 31.05 13.33 -11.45
CA PHE A 515 30.96 14.37 -10.44
C PHE A 515 29.98 15.45 -10.89
N GLY A 516 29.39 16.15 -9.92
CA GLY A 516 28.47 17.23 -10.23
C GLY A 516 27.79 17.82 -9.02
N ARG A 517 27.12 18.95 -9.25
CA ARG A 517 26.23 19.52 -8.25
C ARG A 517 25.01 18.62 -8.14
N SER A 518 24.43 18.54 -6.96
CA SER A 518 23.42 17.51 -6.70
C SER A 518 22.37 17.88 -5.68
N TYR A 519 21.21 17.22 -5.81
CA TYR A 519 20.19 17.19 -4.77
C TYR A 519 20.59 16.20 -3.68
N GLY B 22 4.16 -28.49 14.86
CA GLY B 22 3.08 -29.23 15.59
C GLY B 22 2.29 -28.30 16.50
N LEU B 23 0.97 -28.26 16.31
CA LEU B 23 0.11 -27.42 17.15
C LEU B 23 -0.22 -28.14 18.45
N GLU B 24 0.13 -27.51 19.57
CA GLU B 24 -0.02 -28.09 20.89
C GLU B 24 -1.34 -27.72 21.56
N ALA B 25 -1.60 -26.42 21.68
CA ALA B 25 -2.73 -25.90 22.46
C ALA B 25 -4.08 -26.20 21.82
N LYS B 26 -5.11 -26.20 22.67
CA LYS B 26 -6.46 -26.55 22.27
C LYS B 26 -7.36 -25.33 22.26
N LYS B 27 -8.10 -25.16 21.17
CA LYS B 27 -8.95 -23.99 20.94
C LYS B 27 -10.02 -23.77 22.03
N GLU B 28 -10.61 -24.87 22.51
CA GLU B 28 -11.68 -24.82 23.51
C GLU B 28 -11.16 -24.79 24.96
N GLU B 29 -9.85 -24.91 25.14
CA GLU B 29 -9.26 -24.99 26.48
C GLU B 29 -8.61 -23.67 26.90
N ASN B 30 -7.63 -23.23 26.13
CA ASN B 30 -6.96 -21.95 26.36
C ASN B 30 -6.86 -21.22 25.03
N LEU B 31 -7.84 -20.36 24.77
CA LEU B 31 -7.95 -19.66 23.50
C LEU B 31 -6.73 -18.78 23.21
N ALA B 32 -6.25 -18.08 24.24
CA ALA B 32 -5.10 -17.18 24.09
C ALA B 32 -3.85 -17.95 23.65
N ASP B 33 -3.61 -19.11 24.28
CA ASP B 33 -2.50 -19.99 23.90
C ASP B 33 -2.67 -20.55 22.49
N TRP B 34 -3.88 -21.03 22.17
CA TRP B 34 -4.19 -21.55 20.83
C TRP B 34 -3.94 -20.53 19.72
N TYR B 35 -4.43 -19.31 19.93
CA TYR B 35 -4.32 -18.23 18.95
C TYR B 35 -2.87 -17.85 18.71
N SER B 36 -2.13 -17.64 19.80
CA SER B 36 -0.71 -17.33 19.73
C SER B 36 0.06 -18.40 18.94
N GLN B 37 -0.25 -19.67 19.22
CA GLN B 37 0.39 -20.79 18.54
CA GLN B 37 0.40 -20.78 18.55
C GLN B 37 0.02 -20.85 17.06
N VAL B 38 -1.25 -20.64 16.75
CA VAL B 38 -1.71 -20.68 15.36
C VAL B 38 -1.08 -19.57 14.48
N ILE B 39 -1.10 -18.33 14.98
CA ILE B 39 -0.55 -17.19 14.22
C ILE B 39 0.97 -17.24 14.07
N THR B 40 1.66 -17.89 15.00
CA THR B 40 3.12 -18.00 14.90
C THR B 40 3.57 -19.21 14.10
N LYS B 41 2.95 -20.38 14.35
CA LYS B 41 3.31 -21.61 13.63
C LYS B 41 2.86 -21.60 12.17
N SER B 42 1.83 -20.82 11.85
CA SER B 42 1.43 -20.63 10.46
C SER B 42 2.36 -19.65 9.74
N GLU B 43 3.29 -19.05 10.49
CA GLU B 43 4.21 -18.03 9.97
C GLU B 43 3.49 -16.76 9.49
N MET B 44 2.39 -16.42 10.15
CA MET B 44 1.69 -15.17 9.85
C MET B 44 2.28 -13.98 10.60
N ILE B 45 2.61 -14.20 11.87
CA ILE B 45 2.97 -13.13 12.79
C ILE B 45 4.31 -13.42 13.47
N GLU B 46 5.08 -12.36 13.68
CA GLU B 46 6.22 -12.40 14.58
C GLU B 46 6.01 -11.30 15.61
N TYR B 47 6.39 -11.57 16.86
CA TYR B 47 6.25 -10.59 17.93
C TYR B 47 7.34 -9.52 17.84
N HIS B 48 6.96 -8.28 18.12
CA HIS B 48 7.89 -7.15 18.13
C HIS B 48 8.20 -6.80 19.58
N ASP B 49 9.25 -6.01 19.81
CA ASP B 49 9.62 -5.63 21.17
C ASP B 49 8.80 -4.44 21.71
N ILE B 50 7.87 -3.94 20.90
CA ILE B 50 6.96 -2.90 21.35
C ILE B 50 5.55 -3.46 21.48
N SER B 51 4.96 -3.26 22.67
CA SER B 51 3.63 -3.77 22.98
C SER B 51 2.59 -3.40 21.93
N GLY B 52 1.82 -4.40 21.49
CA GLY B 52 0.73 -4.18 20.55
C GLY B 52 1.16 -4.01 19.10
N CYS B 53 2.45 -4.23 18.82
CA CYS B 53 2.97 -4.18 17.47
C CYS B 53 3.41 -5.57 17.04
N TYR B 54 3.06 -5.94 15.81
CA TYR B 54 3.34 -7.29 15.32
C TYR B 54 3.81 -7.24 13.89
N ILE B 55 4.81 -8.04 13.57
CA ILE B 55 5.31 -8.17 12.22
C ILE B 55 4.31 -9.01 11.43
N LEU B 56 3.88 -8.48 10.29
CA LEU B 56 3.06 -9.24 9.35
C LEU B 56 4.00 -9.90 8.36
N ARG B 57 4.25 -11.20 8.56
CA ARG B 57 5.07 -11.99 7.63
C ARG B 57 4.28 -12.21 6.34
N PRO B 58 4.95 -12.67 5.26
CA PRO B 58 4.24 -12.82 3.99
C PRO B 58 2.92 -13.60 4.04
N TRP B 59 2.85 -14.66 4.84
CA TRP B 59 1.64 -15.47 4.92
C TRP B 59 0.43 -14.66 5.37
N ALA B 60 0.63 -13.76 6.35
CA ALA B 60 -0.44 -12.88 6.78
C ALA B 60 -0.67 -11.78 5.75
N TYR B 61 0.41 -11.17 5.29
CA TYR B 61 0.30 -10.03 4.39
C TYR B 61 -0.42 -10.36 3.08
N ALA B 62 -0.24 -11.58 2.59
CA ALA B 62 -0.91 -12.04 1.35
C ALA B 62 -2.44 -11.99 1.46
N ILE B 63 -2.96 -12.27 2.65
CA ILE B 63 -4.40 -12.18 2.91
C ILE B 63 -4.88 -10.72 2.82
N TRP B 64 -4.12 -9.80 3.41
CA TRP B 64 -4.42 -8.37 3.29
C TRP B 64 -4.40 -7.94 1.81
N GLU B 65 -3.41 -8.40 1.04
CA GLU B 65 -3.34 -8.07 -0.39
C GLU B 65 -4.54 -8.55 -1.17
N ALA B 66 -5.06 -9.73 -0.83
CA ALA B 66 -6.28 -10.28 -1.43
C ALA B 66 -7.53 -9.45 -1.09
N ILE B 67 -7.65 -9.05 0.16
CA ILE B 67 -8.75 -8.20 0.61
C ILE B 67 -8.66 -6.86 -0.12
N LYS B 68 -7.44 -6.31 -0.17
CA LYS B 68 -7.17 -5.05 -0.84
C LYS B 68 -7.53 -5.09 -2.33
N ASP B 69 -7.09 -6.13 -3.03
CA ASP B 69 -7.37 -6.28 -4.45
C ASP B 69 -8.88 -6.25 -4.74
N PHE B 70 -9.64 -7.00 -3.95
CA PHE B 70 -11.09 -7.03 -4.10
C PHE B 70 -11.72 -5.66 -3.82
N PHE B 71 -11.45 -5.12 -2.63
CA PHE B 71 -12.13 -3.94 -2.16
C PHE B 71 -11.79 -2.73 -3.03
N ASP B 72 -10.51 -2.62 -3.38
CA ASP B 72 -10.04 -1.54 -4.23
C ASP B 72 -10.73 -1.49 -5.60
N ALA B 73 -10.82 -2.64 -6.27
CA ALA B 73 -11.52 -2.72 -7.55
C ALA B 73 -13.00 -2.33 -7.43
N GLU B 74 -13.63 -2.73 -6.32
CA GLU B 74 -15.04 -2.39 -6.10
C GLU B 74 -15.30 -0.90 -5.85
N ILE B 75 -14.46 -0.26 -5.04
CA ILE B 75 -14.67 1.18 -4.78
C ILE B 75 -14.32 2.03 -5.99
N LYS B 76 -13.40 1.54 -6.81
CA LYS B 76 -13.11 2.17 -8.11
C LYS B 76 -14.35 2.23 -9.00
N LYS B 77 -15.16 1.17 -8.98
CA LYS B 77 -16.40 1.14 -9.73
C LYS B 77 -17.39 2.20 -9.24
N LEU B 78 -17.30 2.57 -7.97
CA LEU B 78 -18.14 3.63 -7.40
C LEU B 78 -17.58 5.04 -7.62
N GLY B 79 -16.39 5.13 -8.21
CA GLY B 79 -15.78 6.42 -8.54
C GLY B 79 -14.84 6.95 -7.46
N VAL B 80 -14.49 6.10 -6.50
CA VAL B 80 -13.55 6.48 -5.45
C VAL B 80 -12.13 6.42 -6.01
N GLU B 81 -11.31 7.40 -5.65
CA GLU B 81 -9.92 7.46 -6.09
C GLU B 81 -8.96 7.31 -4.91
N ASN B 82 -7.84 6.62 -5.13
CA ASN B 82 -6.81 6.51 -4.10
C ASN B 82 -5.87 7.70 -4.05
N CYS B 83 -5.40 7.98 -2.84
CA CYS B 83 -4.54 9.11 -2.58
C CYS B 83 -3.66 8.75 -1.39
N TYR B 84 -2.80 9.68 -0.97
CA TYR B 84 -2.07 9.50 0.29
C TYR B 84 -1.86 10.83 1.02
N PHE B 85 -2.55 10.98 2.15
CA PHE B 85 -2.38 12.15 3.01
C PHE B 85 -1.30 11.88 4.07
N PRO B 86 -0.68 12.96 4.60
CA PRO B 86 0.41 12.87 5.56
C PRO B 86 0.02 12.12 6.83
N MET B 87 0.99 11.43 7.40
CA MET B 87 0.80 10.71 8.64
C MET B 87 0.80 11.67 9.83
N PHE B 88 1.56 12.75 9.72
CA PHE B 88 1.65 13.72 10.81
C PHE B 88 0.52 14.74 10.79
N VAL B 89 -0.08 14.95 11.94
CA VAL B 89 -1.08 15.99 12.10
C VAL B 89 -0.61 17.00 13.14
N SER B 90 -0.68 18.27 12.79
CA SER B 90 -0.23 19.32 13.69
C SER B 90 -1.13 19.34 14.91
N GLN B 91 -0.58 19.81 16.04
CA GLN B 91 -1.37 19.97 17.24
C GLN B 91 -2.61 20.84 16.96
N SER B 92 -2.41 21.95 16.26
CA SER B 92 -3.49 22.89 15.92
C SER B 92 -4.62 22.18 15.19
N ALA B 93 -4.26 21.44 14.14
CA ALA B 93 -5.24 20.77 13.30
C ALA B 93 -6.03 19.68 14.05
N LEU B 94 -5.33 18.91 14.88
CA LEU B 94 -5.96 17.80 15.60
C LEU B 94 -6.95 18.30 16.65
N GLU B 95 -6.63 19.46 17.24
CA GLU B 95 -7.45 20.03 18.31
C GLU B 95 -8.26 21.24 17.83
N LYS B 96 -8.21 21.50 16.52
CA LYS B 96 -8.88 22.65 15.90
C LYS B 96 -10.38 22.70 16.23
N GLU B 97 -11.08 21.60 15.96
CA GLU B 97 -12.50 21.50 16.25
CA GLU B 97 -12.51 21.50 16.22
C GLU B 97 -12.86 20.15 16.86
N LYS B 98 -14.14 20.01 17.26
CA LYS B 98 -14.65 18.80 17.88
C LYS B 98 -14.81 17.66 16.88
N THR B 99 -13.68 17.23 16.32
CA THR B 99 -13.61 16.11 15.38
C THR B 99 -13.76 14.77 16.08
N HIS B 100 -13.36 14.77 17.35
CA HIS B 100 -13.35 13.57 18.17
C HIS B 100 -13.56 13.96 19.63
N VAL B 101 -14.26 13.10 20.38
CA VAL B 101 -14.44 13.30 21.81
C VAL B 101 -13.10 13.31 22.53
N ALA B 102 -13.00 14.14 23.58
CA ALA B 102 -11.76 14.34 24.33
C ALA B 102 -11.23 13.06 24.98
N ASP B 103 -12.09 12.04 25.07
CA ASP B 103 -11.74 10.75 25.64
C ASP B 103 -10.74 9.96 24.79
N PHE B 104 -10.57 10.38 23.53
CA PHE B 104 -9.57 9.79 22.64
C PHE B 104 -8.14 10.28 22.89
N ALA B 105 -8.01 11.37 23.64
CA ALA B 105 -6.71 12.00 23.91
C ALA B 105 -5.60 11.03 24.35
N PRO B 106 -5.90 10.09 25.29
CA PRO B 106 -4.81 9.20 25.73
C PRO B 106 -4.34 8.20 24.68
N GLU B 107 -5.02 8.12 23.54
CA GLU B 107 -4.63 7.19 22.49
C GLU B 107 -3.68 7.82 21.45
N VAL B 108 -3.51 9.14 21.48
CA VAL B 108 -2.67 9.83 20.49
C VAL B 108 -1.19 9.72 20.82
N ALA B 109 -0.41 9.21 19.87
CA ALA B 109 1.05 9.17 19.98
C ALA B 109 1.63 10.48 19.43
N TRP B 110 2.45 11.14 20.24
CA TRP B 110 3.02 12.46 19.90
C TRP B 110 4.54 12.41 19.67
N VAL B 111 4.96 12.90 18.51
CA VAL B 111 6.37 13.17 18.23
C VAL B 111 6.68 14.56 18.76
N THR B 112 7.72 14.68 19.58
CA THR B 112 8.04 15.96 20.21
C THR B 112 9.45 16.45 19.90
N ARG B 113 10.26 15.59 19.30
CA ARG B 113 11.62 15.96 18.96
C ARG B 113 12.19 15.17 17.79
N SER B 114 13.10 15.80 17.07
CA SER B 114 13.91 15.13 16.07
C SER B 114 15.32 15.12 16.63
N GLY B 115 15.92 13.94 16.74
CA GLY B 115 17.16 13.78 17.50
C GLY B 115 16.93 14.28 18.92
N LYS B 116 17.86 15.09 19.42
CA LYS B 116 17.72 15.70 20.74
C LYS B 116 17.05 17.08 20.68
N THR B 117 16.57 17.47 19.50
CA THR B 117 16.04 18.82 19.31
C THR B 117 14.52 18.87 19.38
N GLU B 118 14.01 19.56 20.40
CA GLU B 118 12.57 19.74 20.60
C GLU B 118 11.93 20.47 19.42
N LEU B 119 10.82 19.93 18.93
CA LEU B 119 10.02 20.59 17.90
C LEU B 119 9.29 21.78 18.54
N ALA B 120 9.12 22.86 17.79
CA ALA B 120 8.45 24.06 18.30
C ALA B 120 7.02 23.71 18.73
N GLU B 121 6.37 22.84 17.96
CA GLU B 121 5.06 22.29 18.33
C GLU B 121 5.05 20.76 18.13
N PRO B 122 4.50 20.02 19.10
CA PRO B 122 4.39 18.56 18.96
C PRO B 122 3.51 18.18 17.76
N ILE B 123 3.81 17.03 17.16
CA ILE B 123 3.00 16.54 16.04
C ILE B 123 2.48 15.16 16.37
N ALA B 124 1.25 14.89 15.96
CA ALA B 124 0.63 13.61 16.26
C ALA B 124 0.73 12.65 15.09
N ILE B 125 0.81 11.36 15.39
CA ILE B 125 0.69 10.33 14.37
C ILE B 125 -0.79 10.07 14.17
N ARG B 126 -1.22 10.04 12.90
CA ARG B 126 -2.64 9.90 12.60
C ARG B 126 -3.28 8.69 13.30
N PRO B 127 -4.34 8.96 14.08
CA PRO B 127 -5.19 7.89 14.59
C PRO B 127 -6.35 7.64 13.63
N THR B 128 -6.43 8.50 12.62
CA THR B 128 -7.49 8.58 11.59
C THR B 128 -7.27 9.94 10.92
N SER B 129 -7.78 10.16 9.71
CA SER B 129 -7.31 11.31 8.90
C SER B 129 -8.26 12.50 8.65
N GLU B 130 -9.43 12.48 9.28
CA GLU B 130 -10.37 13.61 9.24
C GLU B 130 -9.69 14.98 9.33
N THR B 131 -8.87 15.17 10.36
CA THR B 131 -8.26 16.48 10.67
C THR B 131 -7.19 16.89 9.65
N VAL B 132 -6.71 15.93 8.88
CA VAL B 132 -5.71 16.16 7.85
C VAL B 132 -6.37 16.37 6.48
N MET B 133 -7.43 15.61 6.21
CA MET B 133 -8.12 15.64 4.92
C MET B 133 -9.12 16.80 4.76
N TYR B 134 -9.90 17.07 5.81
CA TYR B 134 -11.03 18.00 5.69
C TYR B 134 -10.66 19.47 5.47
N PRO B 135 -9.51 19.93 6.02
CA PRO B 135 -9.06 21.27 5.63
C PRO B 135 -8.73 21.35 4.13
N ALA B 136 -8.20 20.26 3.56
CA ALA B 136 -7.96 20.19 2.12
C ALA B 136 -9.26 20.15 1.33
N TYR B 137 -10.25 19.38 1.81
CA TYR B 137 -11.57 19.33 1.19
C TYR B 137 -12.17 20.75 1.11
N ALA B 138 -11.96 21.54 2.15
CA ALA B 138 -12.47 22.92 2.22
C ALA B 138 -11.85 23.81 1.15
N LYS B 139 -10.57 23.60 0.86
CA LYS B 139 -9.88 24.38 -0.16
C LYS B 139 -10.32 23.94 -1.56
N TRP B 140 -10.53 22.64 -1.73
CA TRP B 140 -10.85 22.06 -3.04
C TRP B 140 -12.29 22.31 -3.48
N VAL B 141 -13.21 22.45 -2.52
CA VAL B 141 -14.61 22.77 -2.83
C VAL B 141 -14.81 24.29 -2.98
N GLN B 142 -14.70 24.75 -4.22
CA GLN B 142 -14.81 26.16 -4.56
C GLN B 142 -16.12 26.46 -5.30
N SER B 143 -16.84 25.41 -5.70
CA SER B 143 -18.17 25.52 -6.29
C SER B 143 -18.89 24.16 -6.24
N HIS B 144 -20.18 24.17 -6.54
CA HIS B 144 -20.98 22.94 -6.66
C HIS B 144 -20.36 21.91 -7.61
N ARG B 145 -19.63 22.41 -8.61
CA ARG B 145 -18.98 21.57 -9.64
C ARG B 145 -17.85 20.70 -9.11
N ASP B 146 -17.33 21.05 -7.93
CA ASP B 146 -16.22 20.30 -7.32
C ASP B 146 -16.68 19.08 -6.51
N LEU B 147 -17.99 18.91 -6.38
CA LEU B 147 -18.56 17.74 -5.69
C LEU B 147 -19.14 16.75 -6.69
N PRO B 148 -19.08 15.45 -6.39
CA PRO B 148 -18.54 14.86 -5.16
C PRO B 148 -17.02 14.73 -5.16
N ILE B 149 -16.46 14.67 -3.95
CA ILE B 149 -15.09 14.26 -3.74
C ILE B 149 -15.18 12.88 -3.08
N LYS B 150 -14.52 11.89 -3.67
CA LYS B 150 -14.53 10.54 -3.10
C LYS B 150 -13.09 10.03 -3.07
N LEU B 151 -12.49 10.05 -1.88
CA LEU B 151 -11.11 9.63 -1.73
C LEU B 151 -10.91 8.48 -0.77
N ASN B 152 -9.97 7.62 -1.10
CA ASN B 152 -9.59 6.50 -0.24
C ASN B 152 -8.08 6.48 -0.08
N GLN B 153 -7.62 6.04 1.10
CA GLN B 153 -6.22 5.72 1.25
C GLN B 153 -5.98 4.41 2.02
N TRP B 154 -4.99 3.67 1.52
CA TRP B 154 -4.47 2.49 2.18
C TRP B 154 -3.26 2.98 2.97
N CYS B 155 -3.33 2.89 4.29
CA CYS B 155 -2.27 3.42 5.12
C CYS B 155 -2.21 2.76 6.49
N ASN B 156 -1.17 3.11 7.25
CA ASN B 156 -1.06 2.66 8.63
C ASN B 156 -1.63 3.71 9.58
N VAL B 157 -2.09 3.23 10.73
CA VAL B 157 -2.75 4.05 11.74
C VAL B 157 -2.14 3.69 13.11
N VAL B 158 -2.05 4.68 14.01
CA VAL B 158 -1.60 4.43 15.37
C VAL B 158 -2.60 4.94 16.41
N ARG B 159 -2.94 4.07 17.35
CA ARG B 159 -3.76 4.42 18.50
C ARG B 159 -3.17 3.69 19.70
N TRP B 160 -2.90 4.44 20.76
CA TRP B 160 -2.29 3.87 21.95
C TRP B 160 -3.36 3.17 22.79
N GLU B 161 -3.77 1.99 22.31
CA GLU B 161 -4.90 1.24 22.87
C GLU B 161 -4.76 0.95 24.36
N PHE B 162 -5.85 1.17 25.08
CA PHE B 162 -5.89 0.87 26.51
C PHE B 162 -6.13 -0.63 26.79
N LYS B 163 -7.01 -1.25 26.01
CA LYS B 163 -7.35 -2.67 26.19
C LYS B 163 -6.14 -3.57 25.92
N HIS B 164 -6.17 -4.79 26.47
CA HIS B 164 -5.12 -5.78 26.21
C HIS B 164 -4.88 -5.92 24.70
N PRO B 165 -3.61 -5.85 24.26
CA PRO B 165 -3.37 -5.93 22.83
C PRO B 165 -3.50 -7.36 22.31
N GLN B 166 -4.09 -7.53 21.12
CA GLN B 166 -4.17 -8.84 20.50
C GLN B 166 -3.80 -8.77 19.03
N PRO B 167 -2.95 -9.70 18.55
CA PRO B 167 -2.56 -9.71 17.15
C PRO B 167 -3.78 -9.62 16.25
N PHE B 168 -3.70 -8.74 15.25
CA PHE B 168 -4.79 -8.43 14.33
C PHE B 168 -5.97 -7.71 14.97
N LEU B 169 -6.55 -8.31 16.01
CA LEU B 169 -7.83 -7.85 16.58
C LEU B 169 -7.73 -6.47 17.24
N ARG B 170 -6.70 -6.26 18.05
CA ARG B 170 -6.47 -4.95 18.65
C ARG B 170 -4.97 -4.64 18.75
N THR B 171 -4.47 -3.89 17.78
CA THR B 171 -3.05 -3.62 17.69
C THR B 171 -2.81 -2.12 17.81
N ARG B 172 -1.63 -1.74 18.29
CA ARG B 172 -1.27 -0.34 18.45
C ARG B 172 -1.01 0.35 17.13
N GLU B 173 -0.35 -0.34 16.22
CA GLU B 173 -0.32 0.08 14.82
C GLU B 173 -1.10 -0.95 14.02
N PHE B 174 -1.93 -0.48 13.09
CA PHE B 174 -2.63 -1.38 12.17
C PHE B 174 -2.67 -0.81 10.77
N LEU B 175 -2.93 -1.68 9.80
CA LEU B 175 -3.15 -1.25 8.43
C LEU B 175 -4.65 -1.14 8.20
N TRP B 176 -5.06 -0.16 7.42
CA TRP B 176 -6.46 -0.04 7.05
C TRP B 176 -6.64 0.65 5.70
N GLN B 177 -7.87 0.70 5.23
CA GLN B 177 -8.25 1.74 4.28
C GLN B 177 -9.21 2.66 5.01
N GLU B 178 -9.13 3.95 4.70
CA GLU B 178 -10.15 4.88 5.14
C GLU B 178 -10.64 5.65 3.91
N GLY B 179 -11.95 5.64 3.71
CA GLY B 179 -12.60 6.38 2.62
C GLY B 179 -13.34 7.58 3.18
N HIS B 180 -13.24 8.71 2.47
CA HIS B 180 -13.84 9.97 2.90
C HIS B 180 -14.47 10.65 1.69
N SER B 181 -15.79 10.78 1.72
CA SER B 181 -16.53 11.35 0.61
CA SER B 181 -16.53 11.35 0.61
C SER B 181 -17.33 12.59 1.00
N ALA B 182 -17.51 13.48 0.04
CA ALA B 182 -18.26 14.72 0.24
C ALA B 182 -19.20 14.88 -0.94
N PHE B 183 -20.47 15.21 -0.64
CA PHE B 183 -21.53 15.31 -1.65
C PHE B 183 -22.33 16.60 -1.48
N ALA B 184 -23.05 16.98 -2.53
CA ALA B 184 -23.99 18.11 -2.47
C ALA B 184 -25.27 17.79 -1.69
N THR B 185 -25.72 16.54 -1.76
CA THR B 185 -27.01 16.17 -1.16
C THR B 185 -26.86 15.02 -0.17
N MET B 186 -27.80 14.93 0.77
CA MET B 186 -27.76 13.85 1.76
C MET B 186 -28.08 12.51 1.11
N GLU B 187 -28.95 12.53 0.11
CA GLU B 187 -29.39 11.32 -0.59
C GLU B 187 -28.26 10.58 -1.30
N GLU B 188 -27.36 11.33 -1.95
CA GLU B 188 -26.17 10.75 -2.58
C GLU B 188 -25.30 10.08 -1.53
N ALA B 189 -25.08 10.81 -0.42
CA ALA B 189 -24.28 10.33 0.67
C ALA B 189 -24.86 9.07 1.29
N ALA B 190 -26.18 9.09 1.53
CA ALA B 190 -26.90 7.96 2.14
C ALA B 190 -26.72 6.68 1.34
N GLU B 191 -26.83 6.78 0.02
CA GLU B 191 -26.62 5.65 -0.87
C GLU B 191 -25.22 5.02 -0.69
N GLU B 192 -24.18 5.86 -0.66
CA GLU B 192 -22.80 5.36 -0.53
C GLU B 192 -22.57 4.60 0.78
N VAL B 193 -23.10 5.12 1.89
CA VAL B 193 -22.95 4.47 3.20
C VAL B 193 -23.30 2.98 3.13
N LEU B 194 -24.44 2.68 2.52
CA LEU B 194 -24.95 1.31 2.43
C LEU B 194 -24.22 0.48 1.37
N GLN B 195 -23.82 1.13 0.28
CA GLN B 195 -23.00 0.49 -0.75
C GLN B 195 -21.66 0.02 -0.19
N ILE B 196 -20.99 0.87 0.58
CA ILE B 196 -19.73 0.50 1.25
C ILE B 196 -19.97 -0.60 2.30
N LEU B 197 -21.01 -0.46 3.12
CA LEU B 197 -21.28 -1.49 4.14
C LEU B 197 -21.47 -2.86 3.48
N ASP B 198 -22.15 -2.87 2.34
CA ASP B 198 -22.37 -4.10 1.59
C ASP B 198 -21.07 -4.69 1.07
N LEU B 199 -20.15 -3.83 0.65
CA LEU B 199 -18.82 -4.25 0.24
C LEU B 199 -18.07 -4.87 1.41
N TYR B 200 -18.20 -4.28 2.60
CA TYR B 200 -17.58 -4.86 3.79
C TYR B 200 -18.18 -6.23 4.10
N ALA B 201 -19.51 -6.34 3.95
CA ALA B 201 -20.21 -7.61 4.10
C ALA B 201 -19.71 -8.64 3.08
N GLN B 202 -19.46 -8.20 1.85
CA GLN B 202 -18.89 -9.07 0.83
C GLN B 202 -17.47 -9.56 1.20
N VAL B 203 -16.64 -8.67 1.72
CA VAL B 203 -15.28 -9.02 2.20
C VAL B 203 -15.36 -10.18 3.22
N TYR B 204 -16.21 -10.02 4.23
CA TYR B 204 -16.34 -11.04 5.25
C TYR B 204 -17.02 -12.30 4.72
N GLU B 205 -18.17 -12.15 4.08
CA GLU B 205 -18.99 -13.30 3.71
C GLU B 205 -18.48 -14.03 2.48
N GLU B 206 -18.11 -13.27 1.44
CA GLU B 206 -17.70 -13.89 0.17
C GLU B 206 -16.21 -14.20 0.06
N LEU B 207 -15.37 -13.36 0.67
CA LEU B 207 -13.94 -13.63 0.68
C LEU B 207 -13.52 -14.50 1.85
N LEU B 208 -13.89 -14.08 3.06
CA LEU B 208 -13.37 -14.70 4.27
C LEU B 208 -14.32 -15.79 4.83
N ALA B 209 -15.47 -15.95 4.19
CA ALA B 209 -16.50 -16.94 4.57
C ALA B 209 -16.97 -16.77 6.02
N ILE B 210 -17.06 -15.52 6.46
CA ILE B 210 -17.54 -15.18 7.80
C ILE B 210 -18.90 -14.47 7.69
N PRO B 211 -19.95 -15.05 8.28
CA PRO B 211 -21.24 -14.36 8.27
C PRO B 211 -21.21 -13.15 9.19
N VAL B 212 -21.89 -12.07 8.78
CA VAL B 212 -21.98 -10.85 9.59
C VAL B 212 -23.42 -10.34 9.70
N VAL B 213 -23.64 -9.49 10.70
CA VAL B 213 -24.92 -8.80 10.87
C VAL B 213 -24.73 -7.31 10.58
N LYS B 214 -25.42 -6.83 9.55
CA LYS B 214 -25.44 -5.39 9.25
C LYS B 214 -26.35 -4.70 10.26
N GLY B 215 -25.96 -3.51 10.70
CA GLY B 215 -26.83 -2.72 11.58
C GLY B 215 -26.38 -1.29 11.77
N ARG B 216 -27.16 -0.57 12.58
CA ARG B 216 -26.79 0.79 12.97
CA ARG B 216 -26.85 0.81 12.98
C ARG B 216 -26.51 0.87 14.46
N LYS B 217 -25.54 1.70 14.82
CA LYS B 217 -25.14 1.87 16.22
C LYS B 217 -26.16 2.72 16.97
N THR B 218 -26.33 2.43 18.25
CA THR B 218 -27.24 3.19 19.12
C THR B 218 -26.70 4.60 19.35
N GLU B 219 -27.52 5.46 19.98
CA GLU B 219 -27.08 6.82 20.33
C GLU B 219 -25.74 6.80 21.07
N LYS B 220 -25.62 5.95 22.09
CA LYS B 220 -24.40 5.85 22.89
C LYS B 220 -23.17 5.41 22.08
N GLU B 221 -23.34 4.42 21.21
CA GLU B 221 -22.21 3.78 20.54
C GLU B 221 -21.79 4.37 19.20
N LYS B 222 -22.69 5.12 18.57
CA LYS B 222 -22.38 5.74 17.28
C LYS B 222 -21.21 6.73 17.39
N PHE B 223 -20.55 6.96 16.26
CA PHE B 223 -19.47 7.93 16.18
C PHE B 223 -20.03 9.32 16.48
N ALA B 224 -19.46 9.98 17.50
CA ALA B 224 -19.99 11.28 17.94
C ALA B 224 -19.87 12.38 16.87
N GLY B 225 -18.95 12.18 15.93
CA GLY B 225 -18.74 13.12 14.83
C GLY B 225 -19.67 12.95 13.64
N GLY B 226 -20.55 11.94 13.70
CA GLY B 226 -21.45 11.66 12.59
C GLY B 226 -22.93 11.78 12.95
N ASP B 227 -23.78 11.57 11.95
CA ASP B 227 -25.24 11.52 12.18
C ASP B 227 -25.69 10.10 12.50
N TYR B 228 -25.21 9.15 11.72
CA TYR B 228 -25.45 7.73 12.01
C TYR B 228 -24.27 6.87 11.60
N THR B 229 -24.05 5.81 12.37
CA THR B 229 -22.98 4.86 12.11
C THR B 229 -23.55 3.50 11.78
N THR B 230 -23.16 2.96 10.62
CA THR B 230 -23.54 1.61 10.26
C THR B 230 -22.34 0.68 10.47
N THR B 231 -22.62 -0.58 10.74
CA THR B 231 -21.60 -1.53 11.14
C THR B 231 -21.94 -2.94 10.66
N ILE B 232 -20.90 -3.77 10.52
CA ILE B 232 -21.08 -5.21 10.39
C ILE B 232 -20.46 -5.88 11.60
N GLU B 233 -21.22 -6.76 12.25
CA GLU B 233 -20.73 -7.43 13.46
C GLU B 233 -20.55 -8.92 13.19
N ALA B 234 -19.40 -9.45 13.59
CA ALA B 234 -19.13 -10.88 13.52
C ALA B 234 -19.12 -11.43 14.94
N PHE B 235 -19.28 -12.74 15.08
CA PHE B 235 -19.22 -13.35 16.39
C PHE B 235 -18.13 -14.41 16.49
N ILE B 236 -17.33 -14.32 17.55
CA ILE B 236 -16.30 -15.30 17.82
C ILE B 236 -16.77 -16.18 18.98
N SER B 237 -17.28 -17.35 18.60
CA SER B 237 -17.80 -18.35 19.54
C SER B 237 -16.84 -18.72 20.65
N ALA B 238 -15.62 -19.09 20.24
CA ALA B 238 -14.58 -19.54 21.15
C ALA B 238 -14.37 -18.58 22.31
N SER B 239 -14.63 -17.30 22.05
CA SER B 239 -14.43 -16.24 23.05
C SER B 239 -15.72 -15.86 23.75
N GLY B 240 -16.86 -16.19 23.15
CA GLY B 240 -18.16 -15.73 23.61
C GLY B 240 -18.29 -14.23 23.42
N ARG B 241 -17.57 -13.71 22.43
CA ARG B 241 -17.47 -12.27 22.19
C ARG B 241 -17.76 -11.91 20.73
N ALA B 242 -18.49 -10.82 20.53
CA ALA B 242 -18.71 -10.28 19.20
C ALA B 242 -17.61 -9.28 18.86
N ILE B 243 -17.50 -8.92 17.59
CA ILE B 243 -16.46 -8.02 17.14
C ILE B 243 -16.91 -7.20 15.93
N GLN B 244 -16.61 -5.90 15.96
CA GLN B 244 -16.96 -5.02 14.87
C GLN B 244 -16.02 -5.25 13.68
N GLY B 245 -16.60 -5.61 12.54
CA GLY B 245 -15.82 -5.98 11.35
C GLY B 245 -15.40 -4.84 10.43
N GLY B 246 -16.11 -3.73 10.53
CA GLY B 246 -15.95 -2.59 9.62
C GLY B 246 -17.02 -1.56 9.94
N THR B 247 -16.78 -0.31 9.55
CA THR B 247 -17.65 0.79 9.94
C THR B 247 -17.87 1.72 8.76
N SER B 248 -19.11 2.19 8.59
CA SER B 248 -19.45 3.14 7.55
C SER B 248 -20.40 4.19 8.11
N HIS B 249 -19.91 5.43 8.24
CA HIS B 249 -20.68 6.53 8.84
C HIS B 249 -21.29 7.45 7.79
N HIS B 250 -22.49 7.94 8.06
CA HIS B 250 -22.96 9.16 7.45
C HIS B 250 -22.67 10.26 8.47
N LEU B 251 -21.79 11.18 8.09
CA LEU B 251 -21.36 12.26 8.95
C LEU B 251 -22.30 13.46 8.89
N GLY B 252 -23.22 13.44 7.92
CA GLY B 252 -24.11 14.55 7.65
C GLY B 252 -23.33 15.81 7.33
N GLN B 253 -23.73 16.92 7.95
CA GLN B 253 -23.04 18.20 7.77
C GLN B 253 -22.16 18.56 8.96
N ASN B 254 -21.99 17.62 9.89
CA ASN B 254 -21.22 17.88 11.11
C ASN B 254 -19.78 18.35 10.88
N PHE B 255 -19.06 17.67 9.99
CA PHE B 255 -17.67 18.03 9.70
C PHE B 255 -17.54 19.20 8.73
N SER B 256 -18.47 19.31 7.79
CA SER B 256 -18.44 20.41 6.82
C SER B 256 -18.77 21.75 7.47
N LYS B 257 -19.55 21.72 8.54
CA LYS B 257 -19.80 22.92 9.33
C LYS B 257 -18.56 23.30 10.13
N MET B 258 -17.85 22.29 10.62
CA MET B 258 -16.62 22.47 11.38
C MET B 258 -15.46 22.97 10.54
N PHE B 259 -15.31 22.46 9.31
CA PHE B 259 -14.17 22.81 8.47
C PHE B 259 -14.49 23.80 7.35
N GLU B 260 -15.72 24.30 7.32
CA GLU B 260 -16.24 25.17 6.26
C GLU B 260 -16.06 24.56 4.86
N ILE B 261 -16.55 23.34 4.68
CA ILE B 261 -16.63 22.72 3.36
C ILE B 261 -17.96 23.14 2.74
N VAL B 262 -17.90 24.23 1.97
CA VAL B 262 -19.11 24.92 1.51
C VAL B 262 -19.12 25.21 0.02
N PHE B 263 -20.32 25.29 -0.52
CA PHE B 263 -20.51 25.70 -1.90
C PHE B 263 -21.71 26.62 -2.01
N GLU B 264 -21.73 27.42 -3.08
CA GLU B 264 -22.78 28.39 -3.33
CA GLU B 264 -22.78 28.38 -3.34
C GLU B 264 -24.08 27.69 -3.76
N ASP B 265 -25.18 28.12 -3.15
CA ASP B 265 -26.50 27.62 -3.51
C ASP B 265 -26.82 28.06 -4.95
N PRO B 266 -27.10 27.08 -5.85
CA PRO B 266 -27.40 27.34 -7.26
C PRO B 266 -28.55 28.31 -7.48
N LYS B 267 -29.63 28.14 -6.72
CA LYS B 267 -30.86 28.88 -6.92
C LYS B 267 -30.87 30.24 -6.21
N ILE B 268 -30.41 30.26 -4.95
CA ILE B 268 -30.42 31.50 -4.18
C ILE B 268 -29.03 32.15 -4.07
N PRO B 269 -28.92 33.41 -4.54
CA PRO B 269 -27.66 34.17 -4.50
C PRO B 269 -27.16 34.47 -3.08
N GLY B 270 -25.91 34.11 -2.82
CA GLY B 270 -25.23 34.50 -1.58
C GLY B 270 -25.43 33.56 -0.40
N GLU B 271 -26.05 32.40 -0.64
CA GLU B 271 -26.30 31.44 0.43
C GLU B 271 -25.31 30.29 0.41
N LYS B 272 -24.75 29.98 1.57
CA LYS B 272 -23.83 28.86 1.72
C LYS B 272 -24.59 27.54 1.87
N GLN B 273 -24.03 26.51 1.25
CA GLN B 273 -24.52 25.15 1.42
C GLN B 273 -23.37 24.30 1.97
N PHE B 274 -23.63 23.56 3.05
CA PHE B 274 -22.63 22.68 3.64
C PHE B 274 -22.70 21.29 3.02
N ALA B 275 -21.53 20.76 2.65
CA ALA B 275 -21.41 19.43 2.05
C ALA B 275 -21.90 18.32 2.98
N TYR B 276 -22.47 17.27 2.41
CA TYR B 276 -22.79 16.07 3.16
C TYR B 276 -21.62 15.09 3.05
N GLN B 277 -21.22 14.51 4.17
CA GLN B 277 -20.03 13.66 4.18
C GLN B 277 -20.24 12.27 4.75
N ASN B 278 -19.43 11.32 4.27
CA ASN B 278 -19.31 9.98 4.85
C ASN B 278 -17.84 9.69 5.14
N SER B 279 -17.60 8.77 6.05
CA SER B 279 -16.31 8.11 6.14
C SER B 279 -16.55 6.64 6.46
N TRP B 280 -15.58 5.81 6.12
CA TRP B 280 -15.68 4.35 6.28
C TRP B 280 -14.29 3.73 6.36
N GLY B 281 -14.15 2.68 7.16
CA GLY B 281 -12.86 2.02 7.31
C GLY B 281 -12.95 0.53 7.60
N LEU B 282 -11.90 -0.18 7.20
CA LEU B 282 -11.79 -1.63 7.39
C LEU B 282 -10.30 -1.94 7.60
N THR B 283 -9.98 -2.79 8.59
CA THR B 283 -8.57 -3.02 8.97
C THR B 283 -8.11 -4.48 8.87
N THR B 284 -6.83 -4.69 9.17
CA THR B 284 -6.25 -6.04 9.26
C THR B 284 -6.85 -6.90 10.39
N ARG B 285 -7.71 -6.31 11.22
CA ARG B 285 -8.56 -7.09 12.13
C ARG B 285 -9.24 -8.25 11.42
N THR B 286 -9.63 -8.01 10.16
CA THR B 286 -10.22 -9.03 9.28
C THR B 286 -9.51 -10.38 9.40
N ILE B 287 -8.18 -10.36 9.36
CA ILE B 287 -7.40 -11.61 9.36
C ILE B 287 -7.51 -12.34 10.69
N GLY B 288 -7.56 -11.58 11.78
CA GLY B 288 -7.80 -12.16 13.10
C GLY B 288 -9.15 -12.83 13.17
N VAL B 289 -10.17 -12.16 12.67
CA VAL B 289 -11.53 -12.73 12.63
C VAL B 289 -11.56 -14.04 11.83
N MET B 290 -10.97 -14.02 10.64
CA MET B 290 -10.80 -15.25 9.84
C MET B 290 -10.12 -16.36 10.65
N THR B 291 -9.04 -16.00 11.34
CA THR B 291 -8.30 -16.96 12.15
C THR B 291 -9.14 -17.53 13.29
N MET B 292 -9.77 -16.66 14.07
CA MET B 292 -10.63 -17.06 15.19
C MET B 292 -11.86 -17.87 14.75
N VAL B 293 -12.40 -17.57 13.57
CA VAL B 293 -13.63 -18.22 13.14
C VAL B 293 -13.36 -19.61 12.53
N HIS B 294 -12.43 -19.69 11.58
CA HIS B 294 -12.21 -20.94 10.85
C HIS B 294 -11.11 -21.84 11.40
N GLY B 295 -10.19 -21.26 12.17
CA GLY B 295 -9.07 -22.02 12.75
C GLY B 295 -9.54 -23.20 13.58
N ASP B 296 -8.80 -24.30 13.51
CA ASP B 296 -9.12 -25.49 14.30
C ASP B 296 -7.89 -25.95 15.09
N ASN B 297 -7.94 -27.18 15.60
CA ASN B 297 -6.84 -27.69 16.43
C ASN B 297 -5.64 -28.19 15.62
N MET B 298 -5.73 -28.07 14.30
CA MET B 298 -4.59 -28.38 13.43
C MET B 298 -3.91 -27.11 12.92
N GLY B 299 -4.51 -25.95 13.18
CA GLY B 299 -3.93 -24.67 12.81
C GLY B 299 -4.88 -23.77 12.03
N LEU B 300 -4.28 -22.93 11.18
CA LEU B 300 -5.01 -22.01 10.33
C LEU B 300 -5.85 -22.78 9.30
N VAL B 301 -6.98 -22.20 8.90
CA VAL B 301 -7.78 -22.73 7.79
C VAL B 301 -8.07 -21.55 6.86
N LEU B 302 -7.54 -21.60 5.64
CA LEU B 302 -7.73 -20.47 4.72
C LEU B 302 -8.92 -20.71 3.79
N PRO B 303 -9.85 -19.74 3.74
CA PRO B 303 -10.85 -19.76 2.67
C PRO B 303 -10.16 -19.76 1.33
N PRO B 304 -10.51 -20.69 0.43
CA PRO B 304 -9.92 -20.75 -0.91
C PRO B 304 -9.83 -19.38 -1.60
N ARG B 305 -10.87 -18.55 -1.44
CA ARG B 305 -10.93 -17.26 -2.11
C ARG B 305 -9.78 -16.32 -1.76
N VAL B 306 -9.27 -16.40 -0.53
CA VAL B 306 -8.14 -15.55 -0.13
C VAL B 306 -6.81 -16.29 0.05
N ALA B 307 -6.79 -17.61 -0.16
CA ALA B 307 -5.57 -18.38 -0.01
C ALA B 307 -4.60 -18.08 -1.15
N CYS B 308 -3.40 -17.63 -0.80
CA CYS B 308 -2.37 -17.34 -1.79
C CYS B 308 -1.81 -18.64 -2.36
N VAL B 309 -1.87 -19.71 -1.57
CA VAL B 309 -1.66 -21.06 -2.08
C VAL B 309 -2.95 -21.86 -1.85
N GLN B 310 -3.63 -22.22 -2.92
CA GLN B 310 -4.86 -23.01 -2.82
C GLN B 310 -4.58 -24.50 -2.80
N VAL B 311 -3.57 -24.91 -3.56
CA VAL B 311 -3.19 -26.32 -3.67
C VAL B 311 -1.68 -26.49 -3.48
N VAL B 312 -1.29 -27.35 -2.55
CA VAL B 312 0.12 -27.70 -2.40
C VAL B 312 0.38 -29.13 -2.85
N ILE B 313 1.31 -29.29 -3.78
CA ILE B 313 1.68 -30.59 -4.31
C ILE B 313 2.90 -31.14 -3.57
N ILE B 314 2.73 -32.30 -2.93
CA ILE B 314 3.81 -32.91 -2.16
C ILE B 314 4.07 -34.32 -2.68
N PRO B 315 5.28 -34.57 -3.21
CA PRO B 315 5.66 -35.93 -3.61
C PRO B 315 5.87 -36.84 -2.40
N CYS B 316 5.29 -38.04 -2.46
CA CYS B 316 5.37 -39.01 -1.36
C CYS B 316 6.12 -40.26 -1.83
N GLY B 317 6.75 -40.96 -0.88
CA GLY B 317 7.50 -42.19 -1.17
C GLY B 317 8.94 -41.96 -1.59
N ILE B 318 9.86 -42.65 -0.93
CA ILE B 318 11.30 -42.53 -1.20
C ILE B 318 12.11 -43.51 -0.34
N SER B 323 14.22 -45.52 -7.09
CA SER B 323 15.32 -45.40 -8.05
C SER B 323 15.63 -43.94 -8.35
N GLU B 324 16.86 -43.68 -8.82
CA GLU B 324 17.31 -42.31 -9.12
C GLU B 324 16.56 -41.68 -10.31
N GLU B 325 16.28 -42.50 -11.32
CA GLU B 325 15.51 -42.07 -12.49
C GLU B 325 14.00 -42.07 -12.20
N ASP B 326 13.59 -42.93 -11.26
CA ASP B 326 12.19 -43.05 -10.87
C ASP B 326 11.72 -41.83 -10.05
N LYS B 327 12.64 -41.25 -9.27
CA LYS B 327 12.36 -40.02 -8.52
C LYS B 327 12.25 -38.82 -9.44
N GLU B 328 13.00 -38.86 -10.55
CA GLU B 328 12.94 -37.82 -11.58
C GLU B 328 11.57 -37.78 -12.26
N ALA B 329 10.98 -38.96 -12.45
CA ALA B 329 9.66 -39.10 -13.07
C ALA B 329 8.52 -38.70 -12.12
N LEU B 330 8.76 -38.87 -10.82
CA LEU B 330 7.79 -38.48 -9.79
C LEU B 330 7.72 -36.95 -9.71
N ILE B 331 8.90 -36.32 -9.70
CA ILE B 331 9.03 -34.87 -9.73
C ILE B 331 8.39 -34.28 -10.99
N ALA B 332 8.59 -34.94 -12.12
CA ALA B 332 8.00 -34.55 -13.40
C ALA B 332 6.48 -34.58 -13.38
N LYS B 333 5.92 -35.58 -12.70
CA LYS B 333 4.47 -35.72 -12.54
C LYS B 333 3.91 -34.60 -11.66
N CYS B 334 4.63 -34.30 -10.57
CA CYS B 334 4.26 -33.18 -9.70
C CYS B 334 4.33 -31.86 -10.46
N ASN B 335 5.34 -31.70 -11.29
CA ASN B 335 5.46 -30.54 -12.18
C ASN B 335 4.37 -30.47 -13.25
N ASP B 336 3.95 -31.64 -13.73
CA ASP B 336 2.84 -31.70 -14.68
C ASP B 336 1.54 -31.20 -14.02
N TYR B 337 1.28 -31.66 -12.80
CA TYR B 337 0.10 -31.21 -12.05
C TYR B 337 0.10 -29.70 -11.79
N ARG B 338 1.26 -29.15 -11.43
CA ARG B 338 1.35 -27.72 -11.12
C ARG B 338 1.22 -26.82 -12.36
N ARG B 339 1.71 -27.31 -13.50
CA ARG B 339 1.60 -26.59 -14.76
C ARG B 339 0.14 -26.52 -15.22
N ARG B 340 -0.55 -27.65 -15.11
CA ARG B 340 -1.96 -27.76 -15.49
C ARG B 340 -2.88 -26.93 -14.59
N LEU B 341 -2.56 -26.88 -13.30
CA LEU B 341 -3.36 -26.13 -12.33
C LEU B 341 -3.21 -24.62 -12.50
N LEU B 342 -2.01 -24.17 -12.84
CA LEU B 342 -1.76 -22.76 -13.17
C LEU B 342 -2.49 -22.36 -14.46
N SER B 343 -2.75 -23.34 -15.32
CA SER B 343 -3.46 -23.09 -16.58
C SER B 343 -4.93 -22.76 -16.35
N VAL B 344 -5.50 -23.31 -15.27
CA VAL B 344 -6.90 -23.07 -14.92
C VAL B 344 -7.04 -22.08 -13.76
N ASN B 345 -6.03 -21.23 -13.57
CA ASN B 345 -6.00 -20.17 -12.57
C ASN B 345 -6.14 -20.62 -11.12
N ILE B 346 -5.66 -21.82 -10.85
CA ILE B 346 -5.56 -22.30 -9.48
C ILE B 346 -4.19 -21.87 -8.97
N ARG B 347 -4.17 -21.31 -7.78
CA ARG B 347 -2.93 -20.91 -7.13
C ARG B 347 -2.29 -22.12 -6.47
N VAL B 348 -1.25 -22.64 -7.13
CA VAL B 348 -0.65 -23.89 -6.74
C VAL B 348 0.84 -23.73 -6.42
N ARG B 349 1.27 -24.47 -5.41
CA ARG B 349 2.68 -24.58 -5.06
C ARG B 349 3.10 -26.05 -5.12
N ALA B 350 4.24 -26.33 -5.76
CA ALA B 350 4.82 -27.66 -5.71
C ALA B 350 5.96 -27.63 -4.72
N ASP B 351 5.82 -28.36 -3.62
CA ASP B 351 6.88 -28.45 -2.62
C ASP B 351 7.79 -29.63 -2.95
N LEU B 352 8.74 -29.37 -3.84
CA LEU B 352 9.63 -30.40 -4.36
C LEU B 352 10.93 -30.48 -3.55
N ARG B 353 10.95 -29.80 -2.42
CA ARG B 353 12.13 -29.76 -1.55
C ARG B 353 12.54 -31.15 -1.08
N ASP B 354 13.82 -31.44 -1.23
CA ASP B 354 14.40 -32.73 -0.84
C ASP B 354 14.86 -32.71 0.62
N ASN B 355 15.08 -31.51 1.15
CA ASN B 355 15.57 -31.32 2.52
C ASN B 355 14.50 -31.54 3.60
N TYR B 356 13.26 -31.77 3.18
CA TYR B 356 12.15 -31.97 4.11
C TYR B 356 11.34 -33.22 3.77
N SER B 357 10.95 -33.96 4.80
CA SER B 357 10.17 -35.18 4.63
C SER B 357 8.71 -34.86 4.28
N PRO B 358 8.04 -35.77 3.54
CA PRO B 358 6.62 -35.60 3.25
C PRO B 358 5.81 -35.29 4.51
N GLY B 359 6.08 -36.01 5.59
CA GLY B 359 5.45 -35.78 6.89
C GLY B 359 5.57 -34.36 7.39
N TRP B 360 6.80 -33.82 7.34
CA TRP B 360 7.05 -32.42 7.73
C TRP B 360 6.20 -31.47 6.89
N LYS B 361 6.17 -31.71 5.58
CA LYS B 361 5.41 -30.89 4.64
C LYS B 361 3.91 -30.95 4.88
N PHE B 362 3.38 -32.15 5.12
CA PHE B 362 1.97 -32.33 5.46
C PHE B 362 1.61 -31.37 6.59
N ASN B 363 2.37 -31.46 7.68
CA ASN B 363 2.16 -30.65 8.87
C ASN B 363 2.34 -29.16 8.58
N HIS B 364 3.40 -28.82 7.86
CA HIS B 364 3.74 -27.42 7.56
C HIS B 364 2.60 -26.70 6.88
N TRP B 365 2.12 -27.25 5.76
CA TRP B 365 1.05 -26.64 4.98
C TRP B 365 -0.34 -26.77 5.63
N GLU B 366 -0.52 -27.76 6.50
CA GLU B 366 -1.74 -27.86 7.31
C GLU B 366 -1.82 -26.73 8.32
N LEU B 367 -0.70 -26.47 9.00
CA LEU B 367 -0.62 -25.36 9.94
C LEU B 367 -0.91 -24.03 9.25
N LYS B 368 -0.50 -23.92 7.98
CA LYS B 368 -0.66 -22.71 7.19
C LYS B 368 -2.04 -22.60 6.56
N GLY B 369 -2.84 -23.67 6.68
CA GLY B 369 -4.23 -23.65 6.23
C GLY B 369 -4.48 -23.75 4.73
N VAL B 370 -3.51 -24.30 3.99
CA VAL B 370 -3.70 -24.54 2.55
C VAL B 370 -4.93 -25.44 2.33
N PRO B 371 -5.92 -24.96 1.57
CA PRO B 371 -7.19 -25.70 1.39
C PRO B 371 -7.05 -27.17 0.94
N ILE B 372 -6.12 -27.45 0.03
CA ILE B 372 -5.99 -28.78 -0.56
C ILE B 372 -4.55 -29.24 -0.66
N ARG B 373 -4.27 -30.39 -0.07
CA ARG B 373 -2.99 -31.06 -0.27
C ARG B 373 -3.12 -32.08 -1.39
N LEU B 374 -2.26 -31.95 -2.39
CA LEU B 374 -2.24 -32.87 -3.51
C LEU B 374 -1.08 -33.85 -3.33
N GLU B 375 -1.40 -35.08 -2.92
CA GLU B 375 -0.42 -36.12 -2.66
C GLU B 375 -0.15 -36.97 -3.89
N VAL B 376 1.12 -37.06 -4.28
CA VAL B 376 1.51 -37.93 -5.39
C VAL B 376 2.57 -38.93 -4.93
N GLY B 377 2.17 -40.21 -4.86
CA GLY B 377 3.11 -41.28 -4.57
C GLY B 377 3.48 -42.05 -5.83
N PRO B 378 4.44 -42.98 -5.72
CA PRO B 378 4.81 -43.81 -6.87
C PRO B 378 3.67 -44.75 -7.27
N ARG B 379 2.99 -45.31 -6.26
CA ARG B 379 1.88 -46.24 -6.45
C ARG B 379 0.70 -45.61 -7.19
N ASP B 380 0.34 -44.38 -6.80
CA ASP B 380 -0.76 -43.66 -7.41
C ASP B 380 -0.44 -43.13 -8.81
N MET B 381 0.81 -42.71 -9.00
CA MET B 381 1.29 -42.21 -10.30
C MET B 381 1.17 -43.26 -11.40
N LYS B 382 1.53 -44.50 -11.08
CA LYS B 382 1.46 -45.61 -12.04
C LYS B 382 0.02 -46.02 -12.36
N SER B 383 -0.89 -45.73 -11.43
CA SER B 383 -2.31 -45.97 -11.64
C SER B 383 -3.01 -44.75 -12.27
N CYS B 384 -2.22 -43.76 -12.66
CA CYS B 384 -2.72 -42.51 -13.23
C CYS B 384 -3.76 -41.85 -12.33
N GLN B 385 -3.39 -41.67 -11.06
CA GLN B 385 -4.28 -41.07 -10.06
C GLN B 385 -3.53 -40.29 -8.99
N PHE B 386 -4.26 -39.57 -8.15
CA PHE B 386 -3.69 -38.89 -7.00
C PHE B 386 -4.71 -38.75 -5.85
N VAL B 387 -4.21 -38.29 -4.71
CA VAL B 387 -5.04 -38.10 -3.52
C VAL B 387 -5.21 -36.61 -3.24
N ALA B 388 -6.46 -36.17 -3.03
CA ALA B 388 -6.74 -34.81 -2.61
C ALA B 388 -7.22 -34.80 -1.17
N VAL B 389 -6.52 -34.06 -0.32
CA VAL B 389 -6.89 -33.95 1.08
C VAL B 389 -7.38 -32.54 1.35
N ARG B 390 -8.66 -32.40 1.70
CA ARG B 390 -9.20 -31.07 1.99
C ARG B 390 -8.95 -30.69 3.44
N ARG B 391 -8.51 -29.46 3.63
CA ARG B 391 -8.07 -28.96 4.93
C ARG B 391 -9.19 -28.84 5.97
N ASP B 392 -10.39 -28.50 5.51
CA ASP B 392 -11.51 -28.17 6.41
C ASP B 392 -12.09 -29.38 7.15
N THR B 393 -12.27 -30.48 6.43
CA THR B 393 -12.90 -31.69 6.98
C THR B 393 -11.88 -32.80 7.20
N GLY B 394 -10.73 -32.69 6.55
CA GLY B 394 -9.71 -33.72 6.58
C GLY B 394 -10.00 -34.88 5.63
N GLU B 395 -11.11 -34.79 4.90
CA GLU B 395 -11.54 -35.82 3.95
C GLU B 395 -10.49 -36.08 2.85
N LYS B 396 -10.22 -37.36 2.58
CA LYS B 396 -9.26 -37.78 1.55
C LYS B 396 -9.97 -38.36 0.34
N LEU B 397 -9.68 -37.81 -0.84
CA LEU B 397 -10.32 -38.25 -2.09
C LEU B 397 -9.29 -38.75 -3.08
N THR B 398 -9.42 -39.99 -3.51
CA THR B 398 -8.64 -40.50 -4.63
C THR B 398 -9.34 -40.09 -5.92
N VAL B 399 -8.66 -39.30 -6.75
CA VAL B 399 -9.21 -38.89 -8.05
C VAL B 399 -8.27 -39.30 -9.18
N ALA B 400 -8.84 -39.56 -10.37
CA ALA B 400 -8.07 -39.93 -11.55
C ALA B 400 -7.37 -38.72 -12.16
N GLU B 401 -6.16 -38.94 -12.69
CA GLU B 401 -5.31 -37.86 -13.21
C GLU B 401 -6.03 -36.92 -14.18
N ASN B 402 -6.79 -37.51 -15.10
CA ASN B 402 -7.50 -36.79 -16.16
C ASN B 402 -8.45 -35.70 -15.67
N GLU B 403 -8.88 -35.81 -14.41
CA GLU B 403 -9.91 -34.92 -13.86
C GLU B 403 -9.36 -33.96 -12.80
N ALA B 404 -8.04 -33.73 -12.84
CA ALA B 404 -7.37 -32.87 -11.86
C ALA B 404 -7.91 -31.45 -11.85
N GLU B 405 -8.02 -30.83 -13.03
CA GLU B 405 -8.49 -29.45 -13.15
C GLU B 405 -9.91 -29.28 -12.62
N THR B 406 -10.82 -30.13 -13.09
CA THR B 406 -12.24 -30.04 -12.76
C THR B 406 -12.54 -30.40 -11.30
N LYS B 407 -11.95 -31.49 -10.81
CA LYS B 407 -12.25 -31.97 -9.46
C LYS B 407 -11.73 -31.00 -8.40
N LEU B 408 -10.49 -30.57 -8.57
CA LEU B 408 -9.84 -29.68 -7.61
C LEU B 408 -10.50 -28.31 -7.55
N GLN B 409 -10.91 -27.78 -8.71
CA GLN B 409 -11.67 -26.53 -8.75
C GLN B 409 -13.03 -26.70 -8.06
N ALA B 410 -13.65 -27.87 -8.21
CA ALA B 410 -14.92 -28.17 -7.54
C ALA B 410 -14.75 -28.31 -6.02
N ILE B 411 -13.66 -28.95 -5.59
CA ILE B 411 -13.38 -29.09 -4.16
C ILE B 411 -13.11 -27.71 -3.52
N LEU B 412 -12.33 -26.88 -4.20
CA LEU B 412 -12.07 -25.53 -3.70
C LEU B 412 -13.37 -24.74 -3.48
N GLU B 413 -14.29 -24.82 -4.44
CA GLU B 413 -15.60 -24.18 -4.31
C GLU B 413 -16.36 -24.71 -3.09
N ASP B 414 -16.36 -26.03 -2.92
CA ASP B 414 -17.09 -26.65 -1.81
C ASP B 414 -16.49 -26.33 -0.45
N ILE B 415 -15.17 -26.21 -0.38
CA ILE B 415 -14.49 -25.81 0.86
C ILE B 415 -14.94 -24.41 1.27
N GLN B 416 -14.98 -23.50 0.30
CA GLN B 416 -15.46 -22.13 0.53
C GLN B 416 -16.90 -22.15 1.06
N VAL B 417 -17.78 -22.92 0.42
CA VAL B 417 -19.18 -23.03 0.85
C VAL B 417 -19.31 -23.65 2.24
N THR B 418 -18.59 -24.75 2.49
CA THR B 418 -18.63 -25.44 3.78
C THR B 418 -18.21 -24.53 4.94
N LEU B 419 -17.12 -23.78 4.75
CA LEU B 419 -16.62 -22.88 5.78
C LEU B 419 -17.65 -21.82 6.14
N PHE B 420 -18.31 -21.26 5.13
CA PHE B 420 -19.36 -20.26 5.35
C PHE B 420 -20.58 -20.87 6.03
N THR B 421 -20.99 -22.04 5.53
CA THR B 421 -22.14 -22.79 6.08
C THR B 421 -21.97 -23.10 7.56
N ARG B 422 -20.82 -23.67 7.92
CA ARG B 422 -20.53 -24.01 9.31
C ARG B 422 -20.48 -22.81 10.24
N ALA B 423 -19.90 -21.71 9.76
CA ALA B 423 -19.85 -20.47 10.52
C ALA B 423 -21.23 -19.83 10.63
N SER B 424 -22.06 -20.00 9.59
CA SER B 424 -23.44 -19.46 9.61
C SER B 424 -24.29 -20.18 10.65
N GLU B 425 -24.23 -21.51 10.66
CA GLU B 425 -24.93 -22.31 11.67
C GLU B 425 -24.44 -21.96 13.08
N ASP B 426 -23.15 -21.64 13.19
CA ASP B 426 -22.55 -21.24 14.47
C ASP B 426 -23.10 -19.90 14.95
N LEU B 427 -23.28 -18.96 14.02
CA LEU B 427 -23.92 -17.67 14.31
C LEU B 427 -25.42 -17.83 14.63
N LYS B 428 -26.11 -18.68 13.87
CA LYS B 428 -27.54 -18.93 14.08
C LYS B 428 -27.79 -19.52 15.47
N THR B 429 -26.87 -20.37 15.91
CA THR B 429 -26.92 -20.99 17.23
C THR B 429 -26.67 -19.99 18.37
N HIS B 430 -25.73 -19.08 18.16
CA HIS B 430 -25.27 -18.18 19.23
C HIS B 430 -25.93 -16.79 19.20
N MET B 431 -26.89 -16.60 18.31
CA MET B 431 -27.63 -15.34 18.24
C MET B 431 -29.14 -15.60 18.21
N VAL B 432 -29.78 -15.36 19.35
CA VAL B 432 -31.19 -15.66 19.55
C VAL B 432 -31.94 -14.43 20.07
N VAL B 433 -33.25 -14.56 20.22
CA VAL B 433 -34.10 -13.48 20.70
C VAL B 433 -34.47 -13.68 22.17
N ALA B 434 -34.50 -12.58 22.91
CA ALA B 434 -35.03 -12.56 24.28
C ALA B 434 -35.81 -11.26 24.47
N ASN B 435 -36.87 -11.33 25.27
CA ASN B 435 -37.77 -10.19 25.47
C ASN B 435 -37.82 -9.67 26.92
N THR B 436 -37.16 -10.38 27.83
CA THR B 436 -37.06 -9.96 29.23
C THR B 436 -35.61 -9.96 29.72
N MET B 437 -35.35 -9.20 30.78
CA MET B 437 -34.02 -9.08 31.37
C MET B 437 -33.51 -10.39 31.99
N GLU B 438 -34.44 -11.20 32.50
CA GLU B 438 -34.11 -12.49 33.11
C GLU B 438 -33.58 -13.48 32.09
N ASP B 439 -34.27 -13.60 30.95
CA ASP B 439 -33.86 -14.50 29.88
C ASP B 439 -32.61 -13.97 29.16
N PHE B 440 -32.46 -12.64 29.17
CA PHE B 440 -31.29 -11.98 28.58
C PHE B 440 -30.01 -12.37 29.31
N GLN B 441 -30.02 -12.26 30.64
CA GLN B 441 -28.89 -12.63 31.48
C GLN B 441 -28.51 -14.10 31.31
N LYS B 442 -29.53 -14.96 31.26
CA LYS B 442 -29.36 -16.40 31.10
C LYS B 442 -28.66 -16.77 29.79
N ILE B 443 -29.10 -16.15 28.70
CA ILE B 443 -28.58 -16.42 27.36
C ILE B 443 -27.16 -15.85 27.15
N LEU B 444 -26.93 -14.65 27.69
CA LEU B 444 -25.61 -13.99 27.62
C LEU B 444 -24.54 -14.76 28.41
N ASP B 445 -24.93 -15.34 29.53
CA ASP B 445 -24.01 -16.11 30.37
C ASP B 445 -23.68 -17.49 29.80
N SER B 446 -24.45 -17.93 28.81
CA SER B 446 -24.22 -19.21 28.14
C SER B 446 -23.24 -19.08 26.96
N GLY B 447 -22.75 -17.86 26.73
CA GLY B 447 -21.79 -17.57 25.67
C GLY B 447 -22.42 -17.17 24.34
N LYS B 448 -23.54 -16.45 24.42
CA LYS B 448 -24.29 -16.06 23.22
C LYS B 448 -24.54 -14.56 23.17
N ILE B 449 -24.90 -14.09 21.98
CA ILE B 449 -25.39 -12.72 21.80
C ILE B 449 -26.88 -12.79 21.51
N VAL B 450 -27.58 -11.71 21.82
CA VAL B 450 -29.04 -11.78 21.82
C VAL B 450 -29.70 -10.46 21.41
N GLN B 451 -30.75 -10.59 20.60
CA GLN B 451 -31.52 -9.46 20.12
C GLN B 451 -32.68 -9.21 21.07
N ILE B 452 -32.71 -8.01 21.63
CA ILE B 452 -33.70 -7.65 22.64
C ILE B 452 -34.45 -6.37 22.24
N PRO B 453 -35.74 -6.27 22.64
CA PRO B 453 -36.45 -5.00 22.48
C PRO B 453 -35.78 -3.93 23.34
N PHE B 454 -35.52 -2.77 22.75
CA PHE B 454 -34.67 -1.74 23.37
C PHE B 454 -35.21 -0.33 23.12
N CYS B 455 -35.22 0.49 24.16
CA CYS B 455 -35.75 1.85 24.07
C CYS B 455 -34.75 2.84 23.46
N GLY B 456 -33.49 2.41 23.32
CA GLY B 456 -32.46 3.21 22.67
C GLY B 456 -31.82 4.28 23.54
N GLU B 457 -32.31 4.43 24.78
CA GLU B 457 -31.79 5.44 25.70
C GLU B 457 -30.40 5.09 26.21
N ILE B 458 -29.57 6.12 26.40
CA ILE B 458 -28.22 5.95 26.94
C ILE B 458 -28.28 5.47 28.39
N ASP B 459 -29.12 6.12 29.20
CA ASP B 459 -29.39 5.72 30.58
C ASP B 459 -29.56 4.20 30.69
N CYS B 460 -30.48 3.67 29.87
CA CYS B 460 -30.85 2.26 29.88
C CYS B 460 -29.71 1.38 29.41
N GLU B 461 -28.96 1.85 28.41
CA GLU B 461 -27.81 1.11 27.88
C GLU B 461 -26.72 0.97 28.94
N ASP B 462 -26.43 2.07 29.63
CA ASP B 462 -25.52 2.07 30.79
C ASP B 462 -26.00 1.06 31.84
N TRP B 463 -27.31 1.07 32.10
CA TRP B 463 -27.91 0.19 33.10
C TRP B 463 -27.78 -1.28 32.71
N ILE B 464 -27.98 -1.57 31.42
CA ILE B 464 -27.82 -2.93 30.89
C ILE B 464 -26.38 -3.42 31.09
N LYS B 465 -25.42 -2.54 30.81
CA LYS B 465 -24.01 -2.84 30.98
C LYS B 465 -23.68 -3.17 32.44
N LYS B 466 -24.19 -2.35 33.36
CA LYS B 466 -23.91 -2.48 34.79
C LYS B 466 -24.55 -3.74 35.41
N THR B 467 -25.80 -4.02 35.03
CA THR B 467 -26.54 -5.17 35.58
C THR B 467 -25.97 -6.51 35.11
N THR B 468 -25.57 -6.59 33.84
CA THR B 468 -25.03 -7.83 33.27
C THR B 468 -23.59 -8.11 33.71
N ALA B 469 -22.89 -7.07 34.16
CA ALA B 469 -21.52 -7.19 34.66
C ALA B 469 -21.51 -7.79 36.06
N MET B 481 -16.99 -7.70 31.18
CA MET B 481 -18.01 -8.68 31.56
C MET B 481 -19.42 -8.22 31.16
N GLY B 482 -19.69 -6.92 31.27
CA GLY B 482 -21.00 -6.35 30.94
C GLY B 482 -21.32 -6.33 29.46
N ALA B 483 -22.57 -6.61 29.12
CA ALA B 483 -23.03 -6.61 27.73
C ALA B 483 -23.16 -5.20 27.19
N LYS B 484 -22.69 -5.02 25.95
CA LYS B 484 -22.72 -3.72 25.28
C LYS B 484 -23.61 -3.84 24.05
N SER B 485 -24.17 -2.72 23.59
CA SER B 485 -24.90 -2.75 22.32
C SER B 485 -23.92 -2.95 21.19
N LEU B 486 -24.31 -3.81 20.25
CA LEU B 486 -23.49 -4.10 19.08
C LEU B 486 -24.03 -3.31 17.89
N CYS B 487 -25.29 -3.55 17.55
CA CYS B 487 -26.00 -2.77 16.54
C CYS B 487 -27.50 -3.02 16.60
N ILE B 488 -28.26 -2.07 16.06
CA ILE B 488 -29.66 -2.26 15.73
C ILE B 488 -29.67 -2.87 14.31
N PRO B 489 -29.96 -4.17 14.20
CA PRO B 489 -29.86 -4.84 12.90
C PRO B 489 -30.87 -4.35 11.86
N PHE B 490 -30.43 -4.28 10.59
CA PHE B 490 -31.30 -3.90 9.49
C PHE B 490 -32.45 -4.89 9.32
N LYS B 491 -32.15 -6.18 9.45
CA LYS B 491 -33.13 -7.25 9.37
C LYS B 491 -33.09 -8.10 10.64
N PRO B 492 -33.87 -7.70 11.66
CA PRO B 492 -33.92 -8.44 12.93
C PRO B 492 -34.50 -9.83 12.74
N LEU B 493 -34.20 -10.73 13.67
CA LEU B 493 -34.72 -12.10 13.62
C LEU B 493 -36.24 -12.10 13.77
N CYS B 494 -36.75 -11.26 14.66
CA CYS B 494 -38.18 -11.10 14.89
C CYS B 494 -38.64 -9.68 14.63
N GLU B 495 -39.91 -9.54 14.24
CA GLU B 495 -40.56 -8.24 14.21
C GLU B 495 -41.02 -7.89 15.62
N LEU B 496 -41.03 -6.60 15.95
CA LEU B 496 -41.45 -6.14 17.27
C LEU B 496 -42.96 -6.28 17.45
N GLN B 497 -43.38 -6.80 18.61
CA GLN B 497 -44.81 -6.93 18.93
C GLN B 497 -45.46 -5.55 19.10
N PRO B 498 -46.71 -5.40 18.64
CA PRO B 498 -47.44 -4.14 18.80
C PRO B 498 -47.44 -3.65 20.26
N GLY B 499 -46.82 -2.50 20.49
CA GLY B 499 -46.75 -1.90 21.83
C GLY B 499 -45.86 -2.66 22.81
N ALA B 500 -44.85 -3.35 22.30
CA ALA B 500 -43.89 -4.07 23.14
C ALA B 500 -43.00 -3.10 23.91
N LYS B 501 -42.66 -3.49 25.14
CA LYS B 501 -41.85 -2.64 26.03
C LYS B 501 -40.37 -3.02 25.98
N CYS B 502 -39.51 -2.07 26.35
CA CYS B 502 -38.08 -2.31 26.47
C CYS B 502 -37.79 -3.26 27.63
N VAL B 503 -36.61 -3.87 27.59
CA VAL B 503 -36.07 -4.65 28.70
C VAL B 503 -36.05 -3.79 29.99
N CYS B 504 -36.10 -2.47 29.79
CA CYS B 504 -36.29 -1.48 30.86
C CYS B 504 -37.65 -1.68 31.56
N GLY B 505 -38.07 -0.69 32.32
CA GLY B 505 -39.37 -0.74 32.99
C GLY B 505 -40.16 0.56 32.91
N LYS B 506 -39.77 1.43 31.98
CA LYS B 506 -40.38 2.76 31.87
C LYS B 506 -40.62 3.22 30.43
N ASN B 507 -40.01 2.53 29.46
CA ASN B 507 -40.06 2.96 28.07
C ASN B 507 -40.50 1.87 27.09
N PRO B 508 -41.25 2.27 26.03
CA PRO B 508 -41.57 1.34 24.94
C PRO B 508 -40.35 1.04 24.06
N ALA B 509 -40.34 -0.14 23.45
CA ALA B 509 -39.27 -0.55 22.55
C ALA B 509 -39.36 0.19 21.22
N LYS B 510 -38.21 0.69 20.76
CA LYS B 510 -38.13 1.34 19.46
C LYS B 510 -37.73 0.35 18.38
N TYR B 511 -36.89 -0.61 18.75
CA TYR B 511 -36.29 -1.56 17.82
C TYR B 511 -35.65 -2.73 18.54
N TYR B 512 -35.62 -3.89 17.90
CA TYR B 512 -34.79 -4.99 18.35
C TYR B 512 -33.35 -4.58 18.22
N THR B 513 -32.57 -4.79 19.28
CA THR B 513 -31.16 -4.42 19.29
C THR B 513 -30.29 -5.61 19.72
N LEU B 514 -29.21 -5.83 18.98
CA LEU B 514 -28.27 -6.91 19.26
C LEU B 514 -27.29 -6.49 20.36
N PHE B 515 -27.30 -7.26 21.44
CA PHE B 515 -26.44 -7.01 22.60
C PHE B 515 -25.54 -8.21 22.84
N GLY B 516 -24.37 -7.96 23.41
CA GLY B 516 -23.44 -9.02 23.77
C GLY B 516 -22.13 -8.49 24.33
N ARG B 517 -21.27 -9.40 24.79
CA ARG B 517 -19.91 -9.06 25.18
C ARG B 517 -19.09 -8.92 23.91
N SER B 518 -18.13 -7.99 23.91
CA SER B 518 -17.39 -7.70 22.68
C SER B 518 -15.92 -7.35 22.91
N TYR B 519 -15.16 -7.34 21.80
CA TYR B 519 -13.78 -6.88 21.82
C TYR B 519 -13.72 -5.36 21.88
#